data_5VZR
#
_entry.id   5VZR
#
_cell.length_a   80.678
_cell.length_b   88.759
_cell.length_c   128.469
_cell.angle_alpha   90.000
_cell.angle_beta   90.000
_cell.angle_gamma   90.000
#
_symmetry.space_group_name_H-M   'P 21 21 21'
#
loop_
_entity.id
_entity.type
_entity.pdbx_description
1 polymer 'G4 antibody heavy chain'
2 polymer 'G4 antibody light chain'
3 non-polymer GLYCEROL
4 water water
#
loop_
_entity_poly.entity_id
_entity_poly.type
_entity_poly.pdbx_seq_one_letter_code
_entity_poly.pdbx_strand_id
1 'polypeptide(L)'
;(PCA)VQLQQSGPELVRPGVSVKISCKGSGYTFTDYAIHWVKQSHAKSLEWIGVFSTYYGNTNYNQKFKGRATMTVDKSS
STAYMELARLTSEDSAIYYCARKSYYVDYVDAMDYWGQGTSVTVSSASTTPPSVYPLAPGSAAQTNSMVTLGCLVKGYFP
EPVTVTWNSGSLSSGVHTFPAVLQSDLYTLSSSVTVPSSTWPSETVTCNVAHPASSTKVDKKIVPRDCGKGLEVLFQ
;
H,A
2 'polypeptide(L)'
;DIVLTQSPASLAVSLGQRATISCRASESVDNYGISFMNWFQQKPGQPPKLLISATSNQGSGVPARFIGSGSGTDFSLNIH
PVEEDDTAMYFCQQSKEVPRTFGGGTKLEIKRTDAAPTVSIFPPSSEQLTSGGASVVCFLNNFYPKDINVKWKIDGSERQ
NGVLNSWTDQDSKDSTYSMSSTLTLTKDEYERHNSYTCEATHKTSTSPIVKSFNRNEC
;
L,B
#
loop_
_chem_comp.id
_chem_comp.type
_chem_comp.name
_chem_comp.formula
GOL non-polymer GLYCEROL 'C3 H8 O3'
#
# COMPACT_ATOMS: atom_id res chain seq x y z
N PCA A 1 1.19 -8.12 7.00
CA PCA A 1 1.82 -6.84 7.26
CB PCA A 1 1.36 -5.79 6.24
CG PCA A 1 0.06 -6.33 5.68
CD PCA A 1 0.12 -7.78 6.06
OE PCA A 1 -0.67 -8.62 5.60
C PCA A 1 1.47 -6.37 8.66
O PCA A 1 0.34 -6.58 9.11
N VAL A 2 2.43 -5.75 9.34
CA VAL A 2 2.17 -5.21 10.68
C VAL A 2 1.20 -4.02 10.59
N GLN A 3 0.13 -4.06 11.37
CA GLN A 3 -0.87 -3.00 11.38
C GLN A 3 -1.33 -2.74 12.81
N LEU A 4 -1.44 -1.48 13.19
CA LEU A 4 -2.08 -1.06 14.42
C LEU A 4 -3.33 -0.26 14.08
N GLN A 5 -4.49 -0.73 14.52
CA GLN A 5 -5.77 -0.10 14.17
C GLN A 5 -6.36 0.58 15.40
N GLN A 6 -6.51 1.88 15.33
CA GLN A 6 -6.99 2.64 16.47
C GLN A 6 -8.48 2.96 16.35
N SER A 7 -9.07 3.27 17.49
CA SER A 7 -10.49 3.63 17.51
C SER A 7 -10.70 5.02 16.91
N GLY A 8 -11.99 5.36 16.70
CA GLY A 8 -12.32 6.53 15.94
C GLY A 8 -12.32 7.80 16.78
N PRO A 9 -12.56 8.92 16.10
CA PRO A 9 -12.50 10.22 16.79
C PRO A 9 -13.54 10.34 17.89
N GLU A 10 -13.15 11.05 18.95
CA GLU A 10 -13.97 11.22 20.14
C GLU A 10 -14.22 12.69 20.42
N LEU A 11 -15.47 13.02 20.70
CA LEU A 11 -15.84 14.30 21.29
C LEU A 11 -16.24 14.01 22.73
N VAL A 12 -15.53 14.60 23.69
CA VAL A 12 -15.80 14.34 25.11
C VAL A 12 -15.85 15.66 25.87
N ARG A 13 -16.75 15.70 26.87
CA ARG A 13 -16.91 16.90 27.68
C ARG A 13 -15.74 17.03 28.67
N PRO A 14 -15.38 18.26 29.05
CA PRO A 14 -14.33 18.44 30.05
C PRO A 14 -14.67 17.71 31.35
N GLY A 15 -13.65 17.15 32.00
CA GLY A 15 -13.82 16.50 33.27
C GLY A 15 -14.16 15.03 33.22
N VAL A 16 -14.53 14.51 32.05
CA VAL A 16 -14.83 13.09 31.90
C VAL A 16 -13.54 12.38 31.50
N SER A 17 -13.60 11.06 31.28
CA SER A 17 -12.45 10.33 30.78
C SER A 17 -12.78 9.76 29.41
N VAL A 18 -11.74 9.42 28.67
CA VAL A 18 -11.86 8.80 27.35
C VAL A 18 -10.93 7.61 27.30
N LYS A 19 -11.39 6.51 26.69
CA LYS A 19 -10.60 5.30 26.57
C LYS A 19 -10.47 4.92 25.10
N ILE A 20 -9.25 4.93 24.60
CA ILE A 20 -8.99 4.67 23.19
C ILE A 20 -8.25 3.35 23.03
N SER A 21 -8.50 2.69 21.89
CA SER A 21 -7.98 1.35 21.65
C SER A 21 -7.01 1.33 20.47
N CYS A 22 -6.18 0.29 20.50
CA CYS A 22 -5.14 0.08 19.49
C CYS A 22 -5.01 -1.43 19.31
N LYS A 23 -5.52 -1.96 18.22
CA LYS A 23 -5.51 -3.40 17.99
C LYS A 23 -4.41 -3.75 16.99
N GLY A 24 -3.51 -4.65 17.38
CA GLY A 24 -2.44 -5.07 16.50
C GLY A 24 -2.79 -6.29 15.67
N SER A 25 -2.25 -6.32 14.46
CA SER A 25 -2.38 -7.52 13.65
C SER A 25 -1.13 -7.66 12.79
N GLY A 26 -0.93 -8.88 12.27
CA GLY A 26 0.22 -9.16 11.43
C GLY A 26 1.50 -9.51 12.18
N TYR A 27 1.43 -9.66 13.50
CA TYR A 27 2.58 -10.00 14.33
C TYR A 27 2.04 -10.53 15.66
N THR A 28 2.93 -11.06 16.49
CA THR A 28 2.52 -11.58 17.79
C THR A 28 2.44 -10.41 18.78
N PHE A 29 1.22 -10.03 19.15
CA PHE A 29 1.02 -8.77 19.86
C PHE A 29 1.77 -8.74 21.18
N THR A 30 1.80 -9.84 21.92
CA THR A 30 2.45 -9.80 23.23
C THR A 30 3.96 -9.92 23.15
N ASP A 31 4.54 -10.00 21.95
CA ASP A 31 6.00 -9.98 21.85
C ASP A 31 6.57 -8.57 21.77
N TYR A 32 5.72 -7.54 21.68
CA TYR A 32 6.19 -6.17 21.56
C TYR A 32 5.39 -5.24 22.47
N ALA A 33 6.09 -4.33 23.12
CA ALA A 33 5.44 -3.31 23.91
C ALA A 33 4.78 -2.26 23.01
N ILE A 34 3.92 -1.45 23.61
CA ILE A 34 3.18 -0.41 22.88
C ILE A 34 3.51 0.94 23.52
N HIS A 35 3.99 1.87 22.69
CA HIS A 35 4.16 3.27 23.06
C HIS A 35 2.88 4.04 22.76
N TRP A 36 2.59 5.03 23.59
CA TRP A 36 1.54 5.99 23.29
C TRP A 36 2.11 7.40 23.21
N VAL A 37 1.66 8.16 22.20
CA VAL A 37 2.24 9.46 21.89
C VAL A 37 1.12 10.46 21.63
N LYS A 38 1.25 11.66 22.17
CA LYS A 38 0.29 12.74 21.99
C LYS A 38 0.83 13.75 20.99
N GLN A 39 -0.04 14.20 20.06
CA GLN A 39 0.32 15.24 19.10
C GLN A 39 -0.74 16.34 19.17
N SER A 40 -0.42 17.43 19.86
CA SER A 40 -1.36 18.53 20.01
C SER A 40 -1.33 19.50 18.83
N HIS A 41 -0.26 19.49 18.04
CA HIS A 41 -0.20 20.25 16.80
C HIS A 41 0.98 19.71 15.99
N ALA A 42 1.22 20.33 14.83
CA ALA A 42 2.12 19.74 13.85
C ALA A 42 3.56 19.68 14.36
N LYS A 43 3.94 20.56 15.28
CA LYS A 43 5.32 20.62 15.76
C LYS A 43 5.47 20.10 17.19
N SER A 44 4.55 19.25 17.64
CA SER A 44 4.62 18.71 19.00
C SER A 44 4.30 17.23 19.01
N LEU A 45 5.29 16.41 19.35
CA LEU A 45 5.08 15.02 19.69
C LEU A 45 5.53 14.82 21.13
N GLU A 46 4.64 14.30 21.96
CA GLU A 46 4.91 14.14 23.39
C GLU A 46 4.65 12.69 23.77
N TRP A 47 5.64 12.05 24.39
CA TRP A 47 5.52 10.66 24.78
C TRP A 47 4.70 10.53 26.06
N ILE A 48 3.66 9.69 26.04
CA ILE A 48 2.82 9.48 27.21
C ILE A 48 3.38 8.37 28.09
N GLY A 49 3.78 7.26 27.48
CA GLY A 49 4.33 6.15 28.22
C GLY A 49 4.44 4.93 27.34
N VAL A 50 4.97 3.86 27.93
CA VAL A 50 5.13 2.60 27.22
C VAL A 50 4.55 1.49 28.09
N PHE A 51 3.85 0.56 27.44
CA PHE A 51 3.12 -0.51 28.11
C PHE A 51 3.65 -1.85 27.63
N SER A 52 4.02 -2.72 28.55
CA SER A 52 4.41 -4.09 28.21
C SER A 52 3.15 -4.92 28.01
N THR A 53 2.91 -5.36 26.78
CA THR A 53 1.75 -6.18 26.52
C THR A 53 1.87 -7.56 27.15
N TYR A 54 3.11 -8.00 27.43
CA TYR A 54 3.33 -9.32 27.99
C TYR A 54 3.17 -9.31 29.51
N TYR A 55 3.81 -8.36 30.17
CA TYR A 55 3.84 -8.34 31.63
C TYR A 55 2.85 -7.38 32.26
N GLY A 56 2.34 -6.42 31.50
CA GLY A 56 1.49 -5.39 32.04
C GLY A 56 2.22 -4.27 32.73
N ASN A 57 3.55 -4.32 32.80
CA ASN A 57 4.30 -3.21 33.35
C ASN A 57 4.14 -1.96 32.49
N THR A 58 4.16 -0.81 33.14
CA THR A 58 4.00 0.49 32.49
C THR A 58 5.10 1.42 32.98
N ASN A 59 5.51 2.35 32.10
CA ASN A 59 6.41 3.43 32.46
C ASN A 59 5.78 4.70 31.87
N TYR A 60 5.44 5.65 32.74
CA TYR A 60 4.69 6.83 32.32
C TYR A 60 5.57 8.07 32.30
N ASN A 61 5.27 8.96 31.36
CA ASN A 61 5.73 10.33 31.45
C ASN A 61 5.04 11.00 32.63
N GLN A 62 5.82 11.48 33.59
CA GLN A 62 5.24 12.09 34.78
C GLN A 62 4.39 13.32 34.44
N LYS A 63 4.59 13.92 33.26
CA LYS A 63 3.89 15.15 32.92
C LYS A 63 2.39 14.96 32.79
N PHE A 64 1.93 13.72 32.70
CA PHE A 64 0.51 13.48 32.60
C PHE A 64 -0.14 13.27 33.97
N LYS A 65 0.65 13.35 35.05
CA LYS A 65 0.13 13.42 36.41
C LYS A 65 -0.73 12.20 36.76
N GLY A 66 -0.34 11.04 36.26
CA GLY A 66 -1.10 9.83 36.53
C GLY A 66 -2.49 9.80 35.93
N ARG A 67 -2.84 10.75 35.08
CA ARG A 67 -4.15 10.75 34.46
C ARG A 67 -4.29 9.70 33.36
N ALA A 68 -3.19 9.10 32.91
CA ALA A 68 -3.24 8.10 31.86
C ALA A 68 -3.10 6.72 32.46
N THR A 69 -3.95 5.80 32.03
CA THR A 69 -3.91 4.41 32.47
C THR A 69 -3.87 3.53 31.24
N MET A 70 -2.85 2.67 31.14
CA MET A 70 -2.64 1.77 30.02
C MET A 70 -2.97 0.33 30.44
N THR A 71 -3.78 -0.35 29.62
CA THR A 71 -4.22 -1.73 29.89
C THR A 71 -4.19 -2.54 28.60
N VAL A 72 -4.44 -3.85 28.72
CA VAL A 72 -4.42 -4.74 27.55
C VAL A 72 -5.52 -5.78 27.63
N ASP A 73 -5.99 -6.21 26.46
CA ASP A 73 -6.79 -7.43 26.28
C ASP A 73 -5.96 -8.35 25.39
N LYS A 74 -5.24 -9.30 26.01
CA LYS A 74 -4.31 -10.11 25.23
C LYS A 74 -5.05 -10.99 24.23
N SER A 75 -6.23 -11.47 24.59
CA SER A 75 -6.95 -12.38 23.70
C SER A 75 -7.35 -11.71 22.39
N SER A 76 -7.58 -10.39 22.42
CA SER A 76 -7.97 -9.68 21.20
C SER A 76 -6.82 -8.84 20.65
N SER A 77 -5.61 -9.00 21.19
CA SER A 77 -4.44 -8.23 20.72
C SER A 77 -4.72 -6.73 20.72
N THR A 78 -5.33 -6.23 21.80
CA THR A 78 -5.72 -4.83 21.85
C THR A 78 -5.16 -4.18 23.10
N ALA A 79 -4.52 -3.04 22.91
CA ALA A 79 -4.07 -2.18 23.99
C ALA A 79 -5.02 -1.01 24.14
N TYR A 80 -5.19 -0.54 25.37
CA TYR A 80 -6.07 0.57 25.66
C TYR A 80 -5.32 1.64 26.42
N MET A 81 -5.73 2.88 26.20
CA MET A 81 -5.24 3.98 27.03
C MET A 81 -6.42 4.83 27.43
N GLU A 82 -6.60 5.00 28.74
CA GLU A 82 -7.64 5.84 29.29
C GLU A 82 -6.99 7.11 29.82
N LEU A 83 -7.52 8.26 29.42
CA LEU A 83 -7.05 9.53 29.94
C LEU A 83 -8.20 10.17 30.70
N ALA A 84 -7.96 10.54 31.95
CA ALA A 84 -9.02 10.98 32.85
C ALA A 84 -8.95 12.48 33.06
N ARG A 85 -10.08 13.02 33.55
CA ARG A 85 -10.22 14.42 33.95
C ARG A 85 -9.72 15.38 32.87
N LEU A 86 -10.35 15.25 31.70
CA LEU A 86 -9.87 15.93 30.50
C LEU A 86 -10.15 17.42 30.52
N THR A 87 -9.22 18.18 29.92
CA THR A 87 -9.41 19.60 29.62
C THR A 87 -9.12 19.83 28.14
N SER A 88 -9.33 21.08 27.68
CA SER A 88 -9.03 21.41 26.30
C SER A 88 -7.56 21.19 25.97
N GLU A 89 -6.67 21.26 26.97
CA GLU A 89 -5.26 20.95 26.72
C GLU A 89 -5.04 19.49 26.33
N ASP A 90 -6.04 18.63 26.54
CA ASP A 90 -5.96 17.24 26.12
C ASP A 90 -6.50 17.01 24.72
N SER A 91 -7.07 18.04 24.07
CA SER A 91 -7.47 17.90 22.67
C SER A 91 -6.23 17.70 21.81
N ALA A 92 -6.17 16.58 21.11
CA ALA A 92 -4.96 16.19 20.40
C ALA A 92 -5.25 14.93 19.62
N ILE A 93 -4.30 14.58 18.74
CA ILE A 93 -4.26 13.25 18.13
C ILE A 93 -3.44 12.35 19.01
N TYR A 94 -3.95 11.17 19.32
CA TYR A 94 -3.24 10.19 20.15
C TYR A 94 -2.85 9.01 19.29
N TYR A 95 -1.56 8.66 19.32
CA TYR A 95 -1.07 7.52 18.55
C TYR A 95 -0.66 6.40 19.48
N CYS A 96 -0.84 5.17 19.02
CA CYS A 96 -0.07 4.06 19.55
C CYS A 96 1.00 3.69 18.54
N ALA A 97 2.09 3.10 19.03
CA ALA A 97 3.16 2.69 18.15
C ALA A 97 3.81 1.47 18.77
N ARG A 98 4.30 0.57 17.93
CA ARG A 98 4.98 -0.62 18.43
C ARG A 98 6.42 -0.29 18.82
N LYS A 99 6.85 -0.79 19.96
CA LYS A 99 8.25 -0.73 20.33
C LYS A 99 9.01 -1.85 19.67
N SER A 100 10.10 -1.52 18.99
CA SER A 100 10.95 -2.55 18.44
C SER A 100 12.37 -2.03 18.39
N TYR A 101 13.29 -2.93 18.15
CA TYR A 101 14.70 -2.57 17.99
C TYR A 101 15.07 -2.81 16.53
N TYR A 102 15.33 -1.73 15.79
CA TYR A 102 15.99 -1.87 14.50
C TYR A 102 17.49 -1.90 14.66
N VAL A 103 17.99 -1.15 15.64
CA VAL A 103 19.36 -1.24 16.10
C VAL A 103 19.31 -1.85 17.49
N ASP A 104 20.17 -2.83 17.74
CA ASP A 104 20.18 -3.51 19.03
C ASP A 104 20.23 -2.49 20.17
N TYR A 105 19.35 -2.67 21.15
CA TYR A 105 19.31 -1.93 22.41
C TYR A 105 18.73 -0.52 22.29
N VAL A 106 18.35 -0.07 21.09
CA VAL A 106 17.84 1.28 20.91
C VAL A 106 16.33 1.20 20.72
N ASP A 107 15.58 1.70 21.71
CA ASP A 107 14.12 1.74 21.65
C ASP A 107 13.68 2.58 20.46
N ALA A 108 12.89 1.98 19.58
CA ALA A 108 12.30 2.71 18.47
C ALA A 108 10.81 2.43 18.39
N MET A 109 10.10 3.31 17.69
CA MET A 109 8.66 3.21 17.51
C MET A 109 8.44 2.96 16.03
N ASP A 110 8.18 1.72 15.64
CA ASP A 110 8.49 1.35 14.26
C ASP A 110 7.27 1.22 13.36
N TYR A 111 6.11 0.87 13.91
CA TYR A 111 4.86 0.94 13.19
C TYR A 111 3.93 1.75 14.06
N TRP A 112 3.14 2.63 13.45
CA TRP A 112 2.26 3.53 14.19
C TRP A 112 0.80 3.33 13.77
N GLY A 113 -0.09 3.41 14.74
CA GLY A 113 -1.52 3.51 14.41
C GLY A 113 -1.83 4.79 13.65
N GLN A 114 -3.05 4.86 13.13
CA GLN A 114 -3.42 5.99 12.30
C GLN A 114 -3.75 7.23 13.11
N GLY A 115 -3.84 7.09 14.42
CA GLY A 115 -4.13 8.18 15.33
C GLY A 115 -5.60 8.26 15.64
N THR A 116 -5.91 8.73 16.84
CA THR A 116 -7.27 8.96 17.31
C THR A 116 -7.36 10.42 17.73
N SER A 117 -8.21 11.18 17.04
CA SER A 117 -8.38 12.60 17.36
C SER A 117 -9.40 12.76 18.47
N VAL A 118 -8.98 13.37 19.57
CA VAL A 118 -9.84 13.62 20.72
C VAL A 118 -10.09 15.12 20.81
N THR A 119 -11.36 15.51 20.83
CA THR A 119 -11.76 16.90 21.02
C THR A 119 -12.43 17.01 22.38
N VAL A 120 -11.89 17.83 23.25
CA VAL A 120 -12.47 18.05 24.57
C VAL A 120 -13.19 19.39 24.55
N SER A 121 -14.52 19.35 24.68
CA SER A 121 -15.32 20.55 24.47
C SER A 121 -16.72 20.33 25.02
N SER A 122 -17.33 21.41 25.49
CA SER A 122 -18.73 21.42 25.88
C SER A 122 -19.65 21.73 24.72
N ALA A 123 -19.09 22.05 23.55
CA ALA A 123 -19.91 22.53 22.44
C ALA A 123 -20.77 21.40 21.86
N SER A 124 -21.89 21.80 21.25
CA SER A 124 -22.87 20.85 20.76
C SER A 124 -22.53 20.35 19.36
N THR A 125 -22.73 19.05 19.16
CA THR A 125 -22.67 18.49 17.82
C THR A 125 -23.68 19.18 16.91
N THR A 126 -23.23 19.59 15.71
CA THR A 126 -24.00 20.39 14.77
C THR A 126 -23.67 19.92 13.36
N PRO A 127 -24.67 19.63 12.52
CA PRO A 127 -24.40 19.16 11.16
C PRO A 127 -23.98 20.31 10.26
N PRO A 128 -23.26 20.03 9.18
CA PRO A 128 -22.84 21.09 8.27
C PRO A 128 -23.95 21.54 7.33
N SER A 129 -23.87 22.79 6.92
CA SER A 129 -24.57 23.26 5.73
C SER A 129 -23.59 23.18 4.57
N VAL A 130 -24.05 22.67 3.44
CA VAL A 130 -23.17 22.42 2.30
C VAL A 130 -23.62 23.32 1.16
N TYR A 131 -22.72 24.21 0.74
CA TYR A 131 -23.06 25.21 -0.27
C TYR A 131 -22.24 24.97 -1.53
N PRO A 132 -22.89 24.78 -2.66
CA PRO A 132 -22.16 24.61 -3.92
C PRO A 132 -21.66 25.94 -4.45
N LEU A 133 -20.45 25.93 -5.01
CA LEU A 133 -19.81 27.13 -5.55
C LEU A 133 -19.66 26.93 -7.05
N ALA A 134 -20.52 27.58 -7.82
CA ALA A 134 -20.42 27.48 -9.26
C ALA A 134 -19.90 28.78 -9.86
N PRO A 135 -19.15 28.71 -10.95
CA PRO A 135 -18.75 29.90 -11.67
C PRO A 135 -19.78 30.23 -12.76
N GLY A 136 -19.69 31.46 -13.23
CA GLY A 136 -20.53 31.91 -14.32
C GLY A 136 -20.06 31.35 -15.66
N SER A 137 -20.85 31.64 -16.68
CA SER A 137 -20.58 31.15 -18.01
C SER A 137 -19.30 31.75 -18.61
N SER A 143 -9.56 25.49 -21.57
CA SER A 143 -8.82 25.69 -20.33
C SER A 143 -9.41 24.80 -19.23
N MET A 144 -9.22 25.20 -17.99
CA MET A 144 -9.74 24.46 -16.85
C MET A 144 -10.76 25.34 -16.13
N VAL A 145 -11.78 24.71 -15.55
CA VAL A 145 -12.77 25.41 -14.74
C VAL A 145 -12.62 24.92 -13.31
N THR A 146 -12.72 25.85 -12.36
CA THR A 146 -12.63 25.52 -10.95
C THR A 146 -14.01 25.65 -10.33
N LEU A 147 -14.43 24.62 -9.62
CA LEU A 147 -15.69 24.55 -8.88
C LEU A 147 -15.35 24.42 -7.41
N GLY A 148 -16.34 24.69 -6.55
CA GLY A 148 -16.10 24.73 -5.13
C GLY A 148 -17.25 24.16 -4.32
N CYS A 149 -16.94 23.91 -3.06
CA CYS A 149 -17.93 23.44 -2.10
C CYS A 149 -17.57 24.05 -0.76
N LEU A 150 -18.51 24.74 -0.13
CA LEU A 150 -18.32 25.38 1.16
C LEU A 150 -19.09 24.60 2.21
N VAL A 151 -18.39 24.12 3.23
CA VAL A 151 -18.96 23.23 4.25
C VAL A 151 -18.92 24.00 5.55
N LYS A 152 -20.07 24.49 6.00
CA LYS A 152 -20.08 25.55 7.00
C LYS A 152 -20.90 25.18 8.23
N GLY A 153 -20.38 25.55 9.39
CA GLY A 153 -21.18 25.53 10.60
C GLY A 153 -21.36 24.18 11.26
N TYR A 154 -20.34 23.32 11.23
CA TYR A 154 -20.46 21.99 11.81
C TYR A 154 -19.56 21.84 13.02
N PHE A 155 -19.89 20.86 13.86
CA PHE A 155 -19.05 20.54 14.99
C PHE A 155 -19.40 19.13 15.43
N PRO A 156 -18.42 18.29 15.83
CA PRO A 156 -16.96 18.49 15.79
C PRO A 156 -16.39 18.07 14.44
N GLU A 157 -15.07 18.18 14.31
CA GLU A 157 -14.38 17.48 13.24
C GLU A 157 -14.49 15.97 13.46
N PRO A 158 -14.36 15.16 12.41
CA PRO A 158 -14.10 15.54 11.02
C PRO A 158 -15.30 15.56 10.11
N VAL A 159 -15.11 16.16 8.95
CA VAL A 159 -15.97 15.92 7.79
C VAL A 159 -15.08 15.29 6.73
N THR A 160 -15.70 14.53 5.84
CA THR A 160 -15.00 14.03 4.65
C THR A 160 -15.67 14.66 3.45
N VAL A 161 -14.86 15.18 2.53
CA VAL A 161 -15.37 15.76 1.29
C VAL A 161 -14.80 14.95 0.14
N THR A 162 -15.68 14.50 -0.76
CA THR A 162 -15.25 13.89 -2.00
C THR A 162 -15.98 14.56 -3.15
N TRP A 163 -15.48 14.31 -4.35
CA TRP A 163 -16.05 14.83 -5.56
C TRP A 163 -16.43 13.66 -6.45
N ASN A 164 -17.68 13.65 -6.93
CA ASN A 164 -18.20 12.58 -7.76
C ASN A 164 -17.93 11.22 -7.09
N SER A 165 -18.22 11.16 -5.78
CA SER A 165 -18.09 9.96 -4.97
C SER A 165 -16.68 9.40 -4.97
N GLY A 166 -15.68 10.27 -5.09
CA GLY A 166 -14.30 9.86 -5.14
C GLY A 166 -13.73 9.65 -6.52
N SER A 167 -14.58 9.67 -7.56
CA SER A 167 -14.08 9.48 -8.92
C SER A 167 -13.20 10.64 -9.38
N LEU A 168 -13.49 11.85 -8.91
CA LEU A 168 -12.63 13.01 -9.16
C LEU A 168 -11.68 13.13 -7.98
N SER A 169 -10.43 12.76 -8.20
CA SER A 169 -9.40 12.83 -7.18
C SER A 169 -8.28 13.79 -7.55
N SER A 170 -7.91 13.84 -8.82
CA SER A 170 -6.91 14.78 -9.27
C SER A 170 -7.51 16.17 -9.35
N GLY A 171 -6.69 17.18 -9.06
CA GLY A 171 -7.17 18.55 -9.14
C GLY A 171 -8.04 19.00 -7.99
N VAL A 172 -8.10 18.25 -6.90
CA VAL A 172 -8.89 18.60 -5.73
C VAL A 172 -7.97 19.23 -4.69
N HIS A 173 -8.43 20.31 -4.07
CA HIS A 173 -7.80 20.87 -2.88
C HIS A 173 -8.85 20.97 -1.80
N THR A 174 -8.70 20.20 -0.74
CA THR A 174 -9.61 20.32 0.39
C THR A 174 -8.83 20.97 1.52
N PHE A 175 -9.34 22.10 2.01
CA PHE A 175 -8.56 22.94 2.90
C PHE A 175 -8.84 22.61 4.36
N PRO A 176 -7.84 22.80 5.22
CA PRO A 176 -8.05 22.62 6.66
C PRO A 176 -9.22 23.47 7.16
N ALA A 177 -10.01 22.88 8.04
CA ALA A 177 -11.12 23.60 8.64
C ALA A 177 -10.61 24.70 9.56
N VAL A 178 -11.42 25.75 9.70
CA VAL A 178 -11.15 26.84 10.63
C VAL A 178 -12.28 26.86 11.66
N LEU A 179 -11.92 26.96 12.93
CA LEU A 179 -12.87 27.01 14.02
C LEU A 179 -13.15 28.45 14.40
N GLN A 180 -14.44 28.80 14.47
CA GLN A 180 -14.83 30.09 15.04
C GLN A 180 -16.16 29.95 15.74
N SER A 181 -16.23 30.43 16.99
CA SER A 181 -17.48 30.44 17.74
C SER A 181 -18.08 29.03 17.82
N ASP A 182 -17.21 28.06 18.11
CA ASP A 182 -17.57 26.66 18.32
C ASP A 182 -18.09 25.98 17.06
N LEU A 183 -17.88 26.56 15.88
CA LEU A 183 -18.27 25.91 14.63
C LEU A 183 -17.12 25.93 13.65
N TYR A 184 -16.99 24.85 12.89
CA TYR A 184 -15.98 24.73 11.85
C TYR A 184 -16.54 25.11 10.49
N THR A 185 -15.66 25.64 9.65
CA THR A 185 -15.94 25.87 8.23
C THR A 185 -14.76 25.34 7.44
N LEU A 186 -15.03 24.60 6.37
CA LEU A 186 -13.97 24.28 5.43
C LEU A 186 -14.50 24.41 4.01
N SER A 187 -13.55 24.44 3.08
CA SER A 187 -13.87 24.55 1.67
C SER A 187 -13.04 23.54 0.90
N SER A 188 -13.55 23.20 -0.28
CA SER A 188 -12.86 22.30 -1.17
C SER A 188 -13.05 22.81 -2.59
N SER A 189 -11.99 22.81 -3.37
CA SER A 189 -12.07 23.15 -4.78
C SER A 189 -11.72 21.94 -5.63
N VAL A 190 -12.29 21.91 -6.82
CA VAL A 190 -11.90 20.92 -7.82
C VAL A 190 -11.76 21.63 -9.16
N THR A 191 -10.71 21.30 -9.90
CA THR A 191 -10.44 21.90 -11.20
C THR A 191 -10.52 20.81 -12.26
N VAL A 192 -11.34 21.05 -13.28
CA VAL A 192 -11.61 20.05 -14.31
C VAL A 192 -11.55 20.74 -15.68
N PRO A 193 -11.38 19.95 -16.74
CA PRO A 193 -11.38 20.54 -18.09
C PRO A 193 -12.69 21.27 -18.36
N SER A 194 -12.60 22.41 -19.03
CA SER A 194 -13.78 23.23 -19.27
C SER A 194 -14.80 22.52 -20.15
N SER A 195 -14.36 21.55 -20.95
CA SER A 195 -15.27 20.77 -21.78
C SER A 195 -16.02 19.71 -20.99
N THR A 196 -15.79 19.59 -19.68
CA THR A 196 -16.40 18.51 -18.90
C THR A 196 -17.44 18.99 -17.90
N TRP A 197 -17.61 20.30 -17.72
CA TRP A 197 -18.67 20.85 -16.86
C TRP A 197 -19.07 22.15 -17.52
N PRO A 198 -20.37 22.42 -17.71
CA PRO A 198 -21.47 21.64 -17.15
C PRO A 198 -22.03 20.59 -18.10
N SER A 199 -21.32 20.25 -19.18
CA SER A 199 -21.84 19.21 -20.06
C SER A 199 -21.91 17.85 -19.34
N GLU A 200 -21.06 17.63 -18.33
CA GLU A 200 -21.21 16.52 -17.40
C GLU A 200 -21.38 17.04 -15.98
N THR A 201 -21.84 16.17 -15.09
CA THR A 201 -22.18 16.56 -13.74
C THR A 201 -20.99 16.47 -12.78
N VAL A 202 -20.91 17.43 -11.88
CA VAL A 202 -19.93 17.41 -10.80
C VAL A 202 -20.71 17.56 -9.49
N THR A 203 -20.46 16.68 -8.54
CA THR A 203 -21.16 16.67 -7.26
C THR A 203 -20.15 16.71 -6.11
N CYS A 204 -20.43 17.57 -5.12
CA CYS A 204 -19.73 17.58 -3.83
C CYS A 204 -20.43 16.61 -2.89
N ASN A 205 -19.69 15.67 -2.31
CA ASN A 205 -20.23 14.72 -1.35
C ASN A 205 -19.61 15.02 0.01
N VAL A 206 -20.45 15.26 1.01
CA VAL A 206 -19.97 15.62 2.33
C VAL A 206 -20.53 14.61 3.34
N ALA A 207 -19.66 14.07 4.18
CA ALA A 207 -20.11 13.22 5.27
C ALA A 207 -19.65 13.82 6.59
N HIS A 208 -20.55 13.84 7.57
CA HIS A 208 -20.22 14.31 8.91
C HIS A 208 -20.65 13.21 9.87
N PRO A 209 -19.74 12.27 10.18
CA PRO A 209 -20.13 11.11 11.00
C PRO A 209 -20.72 11.46 12.34
N ALA A 210 -20.24 12.55 12.97
CA ALA A 210 -20.66 12.84 14.33
C ALA A 210 -22.15 13.17 14.42
N SER A 211 -22.71 13.78 13.37
CA SER A 211 -24.15 14.08 13.32
C SER A 211 -24.88 13.07 12.44
N SER A 212 -24.20 12.03 12.01
CA SER A 212 -24.76 10.99 11.13
C SER A 212 -25.46 11.61 9.94
N THR A 213 -24.74 12.51 9.25
CA THR A 213 -25.25 13.27 8.11
C THR A 213 -24.39 13.00 6.89
N LYS A 214 -25.04 12.80 5.74
CA LYS A 214 -24.40 12.83 4.44
C LYS A 214 -25.19 13.74 3.52
N VAL A 215 -24.49 14.60 2.76
CA VAL A 215 -25.12 15.55 1.86
C VAL A 215 -24.41 15.45 0.51
N ASP A 216 -25.19 15.32 -0.57
CA ASP A 216 -24.66 15.43 -1.93
C ASP A 216 -25.25 16.67 -2.56
N LYS A 217 -24.40 17.54 -3.09
CA LYS A 217 -24.83 18.76 -3.75
C LYS A 217 -24.22 18.79 -5.14
N LYS A 218 -25.04 18.75 -6.18
CA LYS A 218 -24.50 18.99 -7.51
C LYS A 218 -24.08 20.46 -7.61
N ILE A 219 -23.00 20.70 -8.36
CA ILE A 219 -22.59 22.05 -8.71
C ILE A 219 -23.38 22.42 -9.96
N VAL A 220 -24.37 23.30 -9.81
CA VAL A 220 -25.33 23.59 -10.87
C VAL A 220 -24.91 24.89 -11.57
N PRO A 221 -24.86 24.91 -12.90
CA PRO A 221 -24.54 26.17 -13.59
C PRO A 221 -25.54 27.25 -13.21
N ARG A 222 -25.03 28.47 -13.07
CA ARG A 222 -25.88 29.60 -12.71
C ARG A 222 -26.89 29.90 -13.82
N ASP A 223 -28.11 30.20 -13.41
CA ASP A 223 -29.18 30.49 -14.36
C ASP A 223 -29.43 31.99 -14.47
N ASP B 1 14.12 16.13 31.97
CA ASP B 1 14.07 15.45 30.68
C ASP B 1 15.22 15.89 29.79
N ILE B 2 15.57 15.05 28.82
CA ILE B 2 16.49 15.46 27.77
C ILE B 2 15.72 16.29 26.77
N VAL B 3 16.17 17.52 26.53
CA VAL B 3 15.53 18.43 25.60
C VAL B 3 16.24 18.35 24.26
N LEU B 4 15.47 18.21 23.19
CA LEU B 4 16.01 18.13 21.83
C LEU B 4 15.62 19.40 21.07
N THR B 5 16.62 20.09 20.52
CA THR B 5 16.40 21.34 19.80
C THR B 5 16.82 21.15 18.35
N GLN B 6 15.88 21.35 17.42
CA GLN B 6 16.17 21.17 16.02
C GLN B 6 16.42 22.51 15.34
N SER B 7 17.23 22.48 14.28
CA SER B 7 17.53 23.63 13.46
C SER B 7 17.66 23.20 12.01
N PRO B 8 17.14 23.99 11.07
CA PRO B 8 16.36 25.21 11.27
C PRO B 8 14.90 24.84 11.51
N ALA B 9 14.01 25.82 11.62
CA ALA B 9 12.58 25.50 11.68
C ALA B 9 12.07 24.97 10.35
N SER B 10 12.58 25.50 9.25
CA SER B 10 12.17 25.08 7.92
C SER B 10 13.32 25.36 6.98
N LEU B 11 13.44 24.51 5.95
CA LEU B 11 14.39 24.79 4.89
C LEU B 11 13.80 24.35 3.55
N ALA B 12 14.21 25.04 2.48
CA ALA B 12 13.82 24.72 1.13
C ALA B 12 15.03 24.22 0.35
N VAL B 13 14.89 23.04 -0.25
CA VAL B 13 15.99 22.40 -0.96
C VAL B 13 15.51 22.00 -2.36
N SER B 14 16.39 22.17 -3.35
CA SER B 14 16.02 21.80 -4.71
C SER B 14 16.11 20.28 -4.91
N LEU B 15 15.33 19.80 -5.88
CA LEU B 15 15.38 18.38 -6.23
C LEU B 15 16.80 17.97 -6.58
N GLY B 16 17.20 16.80 -6.07
CA GLY B 16 18.53 16.29 -6.31
C GLY B 16 19.61 16.86 -5.41
N GLN B 17 19.30 17.87 -4.61
CA GLN B 17 20.29 18.47 -3.73
C GLN B 17 20.27 17.78 -2.38
N ARG B 18 21.15 18.24 -1.49
CA ARG B 18 21.28 17.69 -0.14
C ARG B 18 20.60 18.60 0.86
N ALA B 19 19.77 18.01 1.73
CA ALA B 19 19.18 18.69 2.87
C ALA B 19 19.85 18.20 4.14
N THR B 20 20.18 19.13 5.03
CA THR B 20 20.79 18.81 6.32
C THR B 20 19.98 19.46 7.43
N ILE B 21 19.57 18.65 8.40
CA ILE B 21 18.73 19.08 9.51
C ILE B 21 19.44 18.73 10.81
N SER B 22 19.54 19.69 11.72
CA SER B 22 20.28 19.52 12.96
C SER B 22 19.37 19.21 14.14
N CYS B 23 19.89 18.39 15.08
CA CYS B 23 19.24 18.13 16.35
C CYS B 23 20.30 18.22 17.44
N ARG B 24 20.09 19.06 18.46
CA ARG B 24 21.03 19.18 19.57
C ARG B 24 20.34 18.70 20.84
N ALA B 25 21.00 17.81 21.57
CA ALA B 25 20.45 17.29 22.82
C ALA B 25 21.03 18.08 23.99
N SER B 26 20.24 18.20 25.06
CA SER B 26 20.69 18.95 26.21
C SER B 26 21.74 18.18 27.01
N GLU B 27 21.85 16.88 26.80
CA GLU B 27 22.94 16.08 27.37
C GLU B 27 23.21 14.93 26.42
N SER B 28 24.34 14.24 26.65
CA SER B 28 24.74 13.17 25.74
C SER B 28 23.66 12.10 25.62
N VAL B 29 23.44 11.63 24.39
CA VAL B 29 22.50 10.51 24.19
C VAL B 29 23.28 9.29 23.70
N ASP B 30 24.56 9.25 24.02
CA ASP B 30 25.47 8.18 23.64
C ASP B 30 25.86 7.35 24.86
N ASN B 31 26.03 6.05 24.66
CA ASN B 31 26.77 5.25 25.62
C ASN B 31 27.23 3.97 24.94
N TYR B 32 28.43 3.51 25.31
CA TYR B 32 29.02 2.29 24.75
C TYR B 32 29.15 2.36 23.22
N GLY B 33 29.33 3.56 22.68
CA GLY B 33 29.44 3.71 21.25
C GLY B 33 28.12 3.69 20.51
N ILE B 34 27.00 3.60 21.23
CA ILE B 34 25.66 3.58 20.66
C ILE B 34 25.05 4.97 20.82
N SER B 35 24.49 5.51 19.74
CA SER B 35 23.70 6.73 19.82
C SER B 35 22.23 6.36 19.91
N PHE B 36 21.60 6.71 21.03
CA PHE B 36 20.18 6.39 21.24
C PHE B 36 19.29 7.48 20.64
N MET B 37 19.44 7.70 19.33
CA MET B 37 18.75 8.76 18.62
C MET B 37 18.07 8.17 17.39
N ASN B 38 16.79 8.49 17.21
CA ASN B 38 16.02 8.10 16.03
C ASN B 38 15.56 9.35 15.30
N TRP B 39 15.21 9.17 14.03
CA TRP B 39 14.59 10.21 13.22
C TRP B 39 13.27 9.71 12.65
N PHE B 40 12.31 10.62 12.57
CA PHE B 40 10.97 10.34 12.04
C PHE B 40 10.62 11.33 10.95
N GLN B 41 9.82 10.85 10.00
CA GLN B 41 9.26 11.67 8.93
C GLN B 41 7.75 11.67 9.11
N GLN B 42 7.12 12.85 9.09
CA GLN B 42 5.67 12.89 9.17
C GLN B 42 5.12 13.72 8.02
N LYS B 43 4.42 13.11 7.17
CA LYS B 43 3.69 13.75 6.11
C LYS B 43 2.32 14.18 6.61
N PRO B 44 1.76 15.26 6.07
CA PRO B 44 0.48 15.76 6.58
C PRO B 44 -0.62 14.71 6.49
N GLY B 45 -1.41 14.63 7.56
CA GLY B 45 -2.49 13.67 7.66
C GLY B 45 -2.07 12.26 8.00
N GLN B 46 -0.78 12.00 8.16
CA GLN B 46 -0.24 10.67 8.38
C GLN B 46 0.45 10.59 9.73
N PRO B 47 0.57 9.41 10.32
CA PRO B 47 1.37 9.26 11.53
C PRO B 47 2.84 9.41 11.19
N PRO B 48 3.67 9.73 12.19
CA PRO B 48 5.13 9.68 11.97
C PRO B 48 5.55 8.30 11.50
N LYS B 49 6.62 8.28 10.70
CA LYS B 49 7.21 7.05 10.20
C LYS B 49 8.68 7.04 10.58
N LEU B 50 9.13 5.93 11.15
CA LEU B 50 10.52 5.79 11.53
C LEU B 50 11.42 5.77 10.29
N LEU B 51 12.42 6.65 10.28
CA LEU B 51 13.37 6.74 9.17
C LEU B 51 14.68 6.06 9.49
N ILE B 52 15.34 6.53 10.54
CA ILE B 52 16.69 6.15 10.91
C ILE B 52 16.66 5.83 12.39
N SER B 53 17.41 4.79 12.80
CA SER B 53 17.63 4.49 14.20
C SER B 53 19.12 4.39 14.46
N ALA B 54 19.57 5.04 15.54
CA ALA B 54 20.98 5.11 15.90
C ALA B 54 21.82 5.70 14.76
N THR B 55 23.13 5.48 14.79
CA THR B 55 24.00 5.97 13.72
C THR B 55 24.97 4.87 13.27
N ALA B 64 18.61 4.46 1.10
CA ALA B 64 19.90 4.99 1.53
C ALA B 64 19.94 6.49 1.37
N ARG B 65 18.79 7.08 1.02
CA ARG B 65 18.73 8.52 0.84
C ARG B 65 18.71 9.28 2.15
N PHE B 66 18.33 8.62 3.25
CA PHE B 66 18.27 9.22 4.58
C PHE B 66 19.41 8.65 5.41
N ILE B 67 20.27 9.52 5.93
CA ILE B 67 21.45 9.11 6.67
C ILE B 67 21.58 9.97 7.93
N GLY B 68 21.71 9.30 9.08
CA GLY B 68 21.98 10.01 10.31
C GLY B 68 23.47 10.09 10.60
N SER B 69 23.86 11.21 11.23
CA SER B 69 25.23 11.45 11.63
C SER B 69 25.23 12.03 13.02
N GLY B 70 26.38 11.94 13.69
CA GLY B 70 26.61 12.68 14.91
C GLY B 70 26.99 11.79 16.09
N SER B 71 27.21 12.43 17.22
CA SER B 71 27.61 11.77 18.45
C SER B 71 27.45 12.77 19.58
N GLY B 72 27.45 12.26 20.80
CA GLY B 72 27.38 13.10 21.98
C GLY B 72 26.06 13.84 22.08
N THR B 73 26.09 15.16 21.90
CA THR B 73 24.87 15.97 21.88
C THR B 73 24.50 16.46 20.49
N ASP B 74 25.31 16.17 19.48
CA ASP B 74 25.23 16.82 18.17
C ASP B 74 24.86 15.81 17.09
N PHE B 75 23.68 15.95 16.51
CA PHE B 75 23.18 15.01 15.51
C PHE B 75 22.60 15.74 14.33
N SER B 76 22.54 15.03 13.20
CA SER B 76 21.98 15.62 12.01
C SER B 76 21.44 14.51 11.12
N LEU B 77 20.45 14.89 10.33
CA LEU B 77 19.87 14.03 9.32
C LEU B 77 20.22 14.63 7.97
N ASN B 78 20.71 13.80 7.06
CA ASN B 78 21.00 14.24 5.70
C ASN B 78 20.10 13.48 4.73
N ILE B 79 19.48 14.21 3.81
CA ILE B 79 18.64 13.65 2.78
C ILE B 79 19.29 13.96 1.44
N HIS B 80 19.61 12.92 0.68
CA HIS B 80 20.31 13.12 -0.57
C HIS B 80 20.15 11.88 -1.46
N PRO B 81 19.62 12.04 -2.67
CA PRO B 81 19.12 13.31 -3.20
C PRO B 81 17.68 13.57 -2.76
N VAL B 82 17.33 14.86 -2.62
CA VAL B 82 15.97 15.23 -2.23
C VAL B 82 15.00 14.97 -3.38
N GLU B 83 13.85 14.41 -3.05
CA GLU B 83 12.80 14.12 -4.03
C GLU B 83 11.50 14.80 -3.61
N GLU B 84 10.57 14.94 -4.58
CA GLU B 84 9.36 15.71 -4.35
C GLU B 84 8.57 15.19 -3.14
N ASP B 85 8.51 13.87 -2.99
CA ASP B 85 7.73 13.29 -1.90
C ASP B 85 8.40 13.43 -0.55
N ASP B 86 9.59 14.06 -0.47
CA ASP B 86 10.24 14.26 0.82
C ASP B 86 9.67 15.45 1.59
N THR B 87 8.77 16.22 1.01
CA THR B 87 8.17 17.32 1.76
C THR B 87 7.39 16.76 2.95
N ALA B 88 7.74 17.23 4.13
CA ALA B 88 7.33 16.56 5.37
C ALA B 88 7.93 17.32 6.55
N MET B 89 7.44 16.99 7.73
CA MET B 89 8.05 17.41 8.98
C MET B 89 8.98 16.30 9.46
N TYR B 90 10.17 16.69 9.91
CA TYR B 90 11.15 15.72 10.39
C TYR B 90 11.40 15.96 11.87
N PHE B 91 11.40 14.88 12.64
CA PHE B 91 11.62 14.93 14.08
C PHE B 91 12.79 14.04 14.48
N CYS B 92 13.60 14.52 15.41
CA CYS B 92 14.52 13.65 16.11
C CYS B 92 13.87 13.19 17.40
N GLN B 93 14.37 12.08 17.95
CA GLN B 93 13.76 11.49 19.13
C GLN B 93 14.80 10.68 19.87
N GLN B 94 14.91 10.88 21.19
CA GLN B 94 15.95 10.21 21.96
C GLN B 94 15.38 9.08 22.82
N SER B 95 16.12 7.96 22.84
CA SER B 95 15.81 6.80 23.67
C SER B 95 16.94 6.53 24.67
N LYS B 96 17.67 7.58 25.06
CA LYS B 96 18.71 7.49 26.07
C LYS B 96 18.13 7.38 27.48
N GLU B 97 17.03 8.09 27.73
CA GLU B 97 16.41 8.11 29.04
C GLU B 97 14.89 8.15 28.89
N VAL B 98 14.22 7.72 29.95
CA VAL B 98 12.79 7.93 30.13
C VAL B 98 12.60 9.26 30.87
N PRO B 99 11.66 10.12 30.47
CA PRO B 99 10.73 9.91 29.36
C PRO B 99 11.38 10.07 27.99
N ARG B 100 10.91 9.29 27.03
CA ARG B 100 11.28 9.55 25.64
C ARG B 100 10.87 10.96 25.27
N THR B 101 11.71 11.64 24.48
CA THR B 101 11.37 12.99 24.06
C THR B 101 11.68 13.17 22.59
N PHE B 102 10.95 14.11 21.97
CA PHE B 102 11.07 14.48 20.56
C PHE B 102 11.56 15.91 20.43
N GLY B 103 12.22 16.21 19.31
CA GLY B 103 12.50 17.57 18.92
C GLY B 103 11.22 18.26 18.50
N GLY B 104 11.33 19.56 18.22
CA GLY B 104 10.19 20.37 17.80
C GLY B 104 9.86 20.31 16.33
N GLY B 105 10.58 19.51 15.54
CA GLY B 105 10.26 19.36 14.13
C GLY B 105 10.92 20.37 13.22
N THR B 106 11.32 19.91 12.04
CA THR B 106 11.84 20.76 10.98
C THR B 106 11.07 20.45 9.70
N LYS B 107 10.54 21.48 9.06
CA LYS B 107 9.78 21.33 7.83
C LYS B 107 10.72 21.37 6.63
N LEU B 108 10.70 20.32 5.82
CA LEU B 108 11.44 20.31 4.57
C LEU B 108 10.48 20.73 3.47
N GLU B 109 10.84 21.81 2.79
CA GLU B 109 10.12 22.32 1.63
C GLU B 109 10.92 22.01 0.37
N ILE B 110 10.24 21.64 -0.70
CA ILE B 110 10.90 21.37 -1.98
C ILE B 110 10.91 22.69 -2.75
N LYS B 111 12.11 23.15 -3.11
CA LYS B 111 12.22 24.35 -3.91
C LYS B 111 11.91 24.00 -5.37
N ARG B 112 10.94 24.70 -5.95
CA ARG B 112 10.63 24.55 -7.37
C ARG B 112 10.60 25.92 -8.01
N THR B 113 10.35 25.95 -9.32
CA THR B 113 10.20 27.22 -10.02
C THR B 113 8.98 27.97 -9.51
N ASP B 114 9.01 29.29 -9.67
CA ASP B 114 7.86 30.10 -9.29
C ASP B 114 6.64 29.69 -10.10
N ALA B 115 5.48 29.77 -9.46
CA ALA B 115 4.21 29.46 -10.10
C ALA B 115 3.19 30.47 -9.61
N ALA B 116 2.52 31.14 -10.54
CA ALA B 116 1.49 32.09 -10.20
C ALA B 116 0.24 31.35 -9.69
N PRO B 117 -0.46 31.91 -8.72
CA PRO B 117 -1.69 31.27 -8.25
C PRO B 117 -2.77 31.35 -9.31
N THR B 118 -3.56 30.29 -9.41
CA THR B 118 -4.80 30.32 -10.17
C THR B 118 -5.88 30.80 -9.21
N VAL B 119 -6.48 31.96 -9.51
CA VAL B 119 -7.37 32.63 -8.59
C VAL B 119 -8.80 32.52 -9.12
N SER B 120 -9.70 32.05 -8.26
CA SER B 120 -11.12 31.89 -8.61
C SER B 120 -11.96 32.45 -7.49
N ILE B 121 -12.94 33.29 -7.82
CA ILE B 121 -13.81 33.90 -6.84
C ILE B 121 -15.24 33.39 -7.05
N PHE B 122 -15.97 33.21 -5.96
CA PHE B 122 -17.33 32.66 -5.98
C PHE B 122 -18.27 33.50 -5.12
N PRO B 123 -19.42 33.91 -5.65
CA PRO B 123 -20.41 34.58 -4.82
C PRO B 123 -21.08 33.60 -3.88
N PRO B 124 -21.78 34.11 -2.88
CA PRO B 124 -22.60 33.23 -2.02
C PRO B 124 -23.60 32.44 -2.86
N SER B 125 -23.83 31.20 -2.44
CA SER B 125 -24.87 30.39 -3.07
C SER B 125 -26.25 30.91 -2.69
N SER B 126 -27.23 30.60 -3.53
CA SER B 126 -28.61 30.96 -3.22
C SER B 126 -29.06 30.25 -1.97
N GLU B 127 -28.60 29.01 -1.78
CA GLU B 127 -28.94 28.26 -0.57
C GLU B 127 -28.52 29.02 0.69
N GLN B 128 -27.31 29.58 0.72
CA GLN B 128 -26.84 30.27 1.92
C GLN B 128 -27.59 31.58 2.13
N LEU B 129 -27.85 32.32 1.06
CA LEU B 129 -28.59 33.58 1.19
C LEU B 129 -29.98 33.33 1.75
N THR B 130 -30.61 32.22 1.38
CA THR B 130 -31.95 31.89 1.87
C THR B 130 -31.96 31.79 3.40
N SER B 131 -30.88 31.28 3.99
CA SER B 131 -30.78 31.21 5.44
C SER B 131 -30.16 32.48 6.05
N GLY B 132 -29.94 33.52 5.25
CA GLY B 132 -29.55 34.81 5.78
C GLY B 132 -28.07 35.09 5.86
N GLY B 133 -27.21 34.23 5.28
CA GLY B 133 -25.77 34.43 5.33
C GLY B 133 -25.22 34.67 3.93
N ALA B 134 -23.96 35.09 3.88
CA ALA B 134 -23.32 35.43 2.60
C ALA B 134 -21.80 35.30 2.74
N SER B 135 -21.27 34.17 2.28
CA SER B 135 -19.83 33.96 2.22
C SER B 135 -19.35 34.11 0.80
N VAL B 136 -18.31 34.91 0.60
CA VAL B 136 -17.64 35.04 -0.68
C VAL B 136 -16.34 34.25 -0.59
N VAL B 137 -16.10 33.37 -1.55
CA VAL B 137 -14.99 32.45 -1.46
C VAL B 137 -13.98 32.75 -2.57
N CYS B 138 -12.70 32.77 -2.21
CA CYS B 138 -11.62 32.95 -3.17
C CYS B 138 -10.62 31.83 -2.98
N PHE B 139 -10.38 31.06 -4.04
CA PHE B 139 -9.35 30.04 -4.05
C PHE B 139 -8.12 30.57 -4.78
N LEU B 140 -6.95 30.37 -4.19
CA LEU B 140 -5.68 30.79 -4.79
C LEU B 140 -4.82 29.53 -4.86
N ASN B 141 -4.79 28.88 -6.02
CA ASN B 141 -4.36 27.48 -6.08
C ASN B 141 -3.05 27.30 -6.85
N ASN B 142 -2.25 26.36 -6.36
CA ASN B 142 -1.06 25.83 -7.04
C ASN B 142 -0.04 26.92 -7.34
N PHE B 143 0.42 27.59 -6.27
CA PHE B 143 1.40 28.65 -6.42
C PHE B 143 2.69 28.29 -5.69
N TYR B 144 3.77 28.99 -6.05
CA TYR B 144 5.03 28.86 -5.35
C TYR B 144 5.81 30.14 -5.58
N PRO B 145 6.49 30.70 -4.56
CA PRO B 145 6.66 30.20 -3.19
C PRO B 145 5.42 30.37 -2.33
N LYS B 146 5.50 29.98 -1.05
CA LYS B 146 4.31 29.89 -0.22
C LYS B 146 3.82 31.25 0.27
N ASP B 147 4.69 32.25 0.30
CA ASP B 147 4.32 33.56 0.83
C ASP B 147 3.31 34.23 -0.09
N ILE B 148 2.15 34.60 0.47
CA ILE B 148 1.10 35.26 -0.30
C ILE B 148 0.26 36.05 0.68
N ASN B 149 -0.33 37.15 0.18
CA ASN B 149 -1.27 37.94 0.97
C ASN B 149 -2.51 38.19 0.14
N VAL B 150 -3.67 38.05 0.79
CA VAL B 150 -4.96 38.25 0.13
C VAL B 150 -5.63 39.45 0.75
N LYS B 151 -6.13 40.35 -0.09
CA LYS B 151 -6.86 41.52 0.36
C LYS B 151 -8.27 41.46 -0.22
N TRP B 152 -9.27 41.66 0.63
CA TRP B 152 -10.65 41.71 0.20
C TRP B 152 -11.09 43.16 0.06
N LYS B 153 -11.70 43.48 -1.07
CA LYS B 153 -12.25 44.81 -1.31
C LYS B 153 -13.75 44.70 -1.57
N ILE B 154 -14.51 45.61 -0.98
CA ILE B 154 -15.93 45.73 -1.22
C ILE B 154 -16.19 47.14 -1.73
N ASP B 155 -16.66 47.25 -2.97
CA ASP B 155 -16.86 48.55 -3.64
C ASP B 155 -15.59 49.40 -3.58
N GLY B 156 -14.44 48.74 -3.70
CA GLY B 156 -13.16 49.43 -3.74
C GLY B 156 -12.50 49.66 -2.40
N SER B 157 -13.21 49.44 -1.30
CA SER B 157 -12.66 49.65 0.04
C SER B 157 -12.29 48.31 0.66
N GLU B 158 -11.13 48.28 1.32
CA GLU B 158 -10.65 47.05 1.94
C GLU B 158 -11.56 46.64 3.10
N ARG B 159 -11.87 45.35 3.16
CA ARG B 159 -12.61 44.76 4.26
C ARG B 159 -11.71 43.76 4.99
N GLN B 160 -11.70 43.85 6.32
CA GLN B 160 -10.91 42.94 7.14
C GLN B 160 -11.74 42.00 8.00
N ASN B 161 -12.83 42.50 8.58
CA ASN B 161 -13.65 41.65 9.44
C ASN B 161 -14.45 40.66 8.62
N GLY B 162 -14.57 39.44 9.15
CA GLY B 162 -15.27 38.38 8.45
C GLY B 162 -14.42 37.55 7.52
N VAL B 163 -13.11 37.80 7.44
CA VAL B 163 -12.21 37.05 6.57
C VAL B 163 -11.58 35.91 7.35
N LEU B 164 -11.65 34.70 6.80
CA LEU B 164 -11.01 33.53 7.38
C LEU B 164 -10.22 32.80 6.30
N ASN B 165 -8.96 32.51 6.60
CA ASN B 165 -8.04 31.91 5.64
C ASN B 165 -7.60 30.52 6.08
N SER B 166 -7.34 29.67 5.08
CA SER B 166 -6.83 28.32 5.30
C SER B 166 -5.84 27.99 4.19
N TRP B 167 -4.76 27.31 4.56
CA TRP B 167 -3.67 27.00 3.65
C TRP B 167 -3.44 25.50 3.61
N THR B 168 -3.12 24.98 2.42
CA THR B 168 -2.68 23.59 2.33
C THR B 168 -1.19 23.49 2.64
N ASP B 169 -0.76 22.28 3.01
CA ASP B 169 0.66 22.00 3.02
C ASP B 169 1.16 21.82 1.59
N GLN B 170 2.48 21.77 1.44
CA GLN B 170 3.06 21.67 0.11
C GLN B 170 2.66 20.36 -0.55
N ASP B 171 2.30 20.45 -1.83
CA ASP B 171 1.83 19.28 -2.56
C ASP B 171 2.98 18.31 -2.80
N SER B 172 2.76 17.04 -2.47
CA SER B 172 3.81 16.04 -2.60
C SER B 172 4.17 15.73 -4.04
N LYS B 173 3.34 16.15 -5.01
CA LYS B 173 3.56 15.88 -6.43
C LYS B 173 4.19 17.07 -7.15
N ASP B 174 3.51 18.22 -7.15
CA ASP B 174 4.00 19.36 -7.92
C ASP B 174 4.63 20.45 -7.06
N SER B 175 4.75 20.23 -5.74
CA SER B 175 5.51 21.10 -4.85
C SER B 175 4.93 22.51 -4.75
N THR B 176 3.63 22.67 -5.03
CA THR B 176 2.96 23.97 -4.91
C THR B 176 2.15 24.04 -3.61
N TYR B 177 1.65 25.24 -3.34
CA TYR B 177 0.78 25.52 -2.22
C TYR B 177 -0.54 26.06 -2.74
N SER B 178 -1.59 25.91 -1.93
CA SER B 178 -2.88 26.51 -2.24
C SER B 178 -3.45 27.16 -0.99
N MET B 179 -4.36 28.09 -1.21
CA MET B 179 -4.97 28.89 -0.16
C MET B 179 -6.42 29.12 -0.48
N SER B 180 -7.26 29.14 0.56
CA SER B 180 -8.66 29.50 0.46
C SER B 180 -8.91 30.67 1.39
N SER B 181 -9.58 31.70 0.88
CA SER B 181 -9.94 32.85 1.69
C SER B 181 -11.44 33.06 1.57
N THR B 182 -12.12 33.16 2.71
CA THR B 182 -13.56 33.30 2.74
C THR B 182 -13.93 34.57 3.50
N LEU B 183 -14.61 35.50 2.81
CA LEU B 183 -15.19 36.68 3.43
C LEU B 183 -16.65 36.40 3.74
N THR B 184 -17.03 36.45 5.02
CA THR B 184 -18.38 36.12 5.42
C THR B 184 -19.09 37.37 5.93
N LEU B 185 -20.20 37.71 5.29
CA LEU B 185 -21.04 38.85 5.64
C LEU B 185 -22.45 38.34 5.92
N THR B 186 -23.29 39.22 6.45
CA THR B 186 -24.70 38.93 6.45
C THR B 186 -25.28 39.18 5.05
N LYS B 187 -26.40 38.51 4.77
CA LYS B 187 -27.12 38.81 3.53
C LYS B 187 -27.49 40.28 3.46
N ASP B 188 -27.75 40.90 4.61
CA ASP B 188 -28.15 42.29 4.65
C ASP B 188 -27.02 43.20 4.20
N GLU B 189 -25.82 43.01 4.75
CA GLU B 189 -24.68 43.81 4.33
C GLU B 189 -24.27 43.46 2.90
N TYR B 190 -24.32 42.17 2.54
CA TYR B 190 -23.88 41.75 1.22
C TYR B 190 -24.72 42.42 0.13
N GLU B 191 -26.03 42.50 0.32
CA GLU B 191 -26.91 43.07 -0.70
C GLU B 191 -26.86 44.58 -0.75
N ARG B 192 -26.08 45.22 0.11
CA ARG B 192 -25.92 46.67 0.07
C ARG B 192 -24.72 47.10 -0.75
N HIS B 193 -23.92 46.16 -1.24
CA HIS B 193 -22.74 46.48 -2.02
C HIS B 193 -22.78 45.70 -3.31
N ASN B 194 -22.06 46.21 -4.29
CA ASN B 194 -22.12 45.67 -5.64
C ASN B 194 -20.86 44.91 -6.03
N SER B 195 -19.68 45.47 -5.78
CA SER B 195 -18.43 44.90 -6.28
C SER B 195 -17.68 44.19 -5.15
N TYR B 196 -17.31 42.93 -5.39
CA TYR B 196 -16.54 42.14 -4.43
C TYR B 196 -15.27 41.66 -5.11
N THR B 197 -14.13 41.88 -4.46
CA THR B 197 -12.83 41.66 -5.09
C THR B 197 -11.90 40.91 -4.16
N CYS B 198 -11.33 39.82 -4.68
CA CYS B 198 -10.23 39.09 -4.07
C CYS B 198 -8.93 39.52 -4.74
N GLU B 199 -8.00 40.04 -3.95
CA GLU B 199 -6.79 40.64 -4.50
C GLU B 199 -5.57 39.99 -3.86
N ALA B 200 -4.75 39.35 -4.70
CA ALA B 200 -3.64 38.54 -4.23
C ALA B 200 -2.31 39.19 -4.62
N THR B 201 -1.44 39.38 -3.64
CA THR B 201 -0.08 39.84 -3.88
C THR B 201 0.86 38.66 -3.69
N HIS B 202 1.65 38.38 -4.72
CA HIS B 202 2.55 37.23 -4.76
C HIS B 202 3.80 37.63 -5.52
N LYS B 203 4.92 36.98 -5.18
CA LYS B 203 6.20 37.28 -5.81
C LYS B 203 6.11 37.22 -7.34
N THR B 204 5.19 36.42 -7.86
CA THR B 204 5.16 36.07 -9.28
C THR B 204 4.71 37.20 -10.19
N SER B 205 4.18 38.30 -9.63
CA SER B 205 3.77 39.43 -10.47
C SER B 205 3.92 40.72 -9.70
N THR B 206 4.33 41.77 -10.40
CA THR B 206 4.46 43.08 -9.77
C THR B 206 3.10 43.68 -9.47
N SER B 207 2.10 43.38 -10.27
CA SER B 207 0.74 43.83 -10.05
C SER B 207 -0.06 42.74 -9.38
N PRO B 208 -0.85 43.05 -8.36
CA PRO B 208 -1.64 42.01 -7.69
C PRO B 208 -2.65 41.39 -8.62
N ILE B 209 -2.89 40.09 -8.44
CA ILE B 209 -3.91 39.38 -9.21
C ILE B 209 -5.28 39.73 -8.64
N VAL B 210 -6.17 40.18 -9.52
CA VAL B 210 -7.49 40.66 -9.14
C VAL B 210 -8.54 39.76 -9.80
N LYS B 211 -9.39 39.15 -8.98
CA LYS B 211 -10.61 38.52 -9.44
C LYS B 211 -11.77 39.17 -8.73
N SER B 212 -12.84 39.44 -9.46
CA SER B 212 -13.97 40.15 -8.88
C SER B 212 -15.25 39.65 -9.52
N PHE B 213 -16.36 39.99 -8.87
CA PHE B 213 -17.66 39.85 -9.50
C PHE B 213 -18.52 41.02 -9.03
N ASN B 214 -19.58 41.29 -9.79
CA ASN B 214 -20.59 42.25 -9.38
C ASN B 214 -21.84 41.48 -9.01
N ARG B 215 -22.41 41.82 -7.85
CA ARG B 215 -23.56 41.10 -7.33
C ARG B 215 -24.76 41.19 -8.26
N ASN B 216 -24.88 42.29 -9.02
CA ASN B 216 -26.08 42.53 -9.82
C ASN B 216 -26.03 41.88 -11.19
N GLU B 217 -24.94 41.21 -11.55
CA GLU B 217 -24.86 40.53 -12.83
C GLU B 217 -25.55 39.17 -12.79
N PCA C 1 7.01 -44.13 -10.03
CA PCA C 1 7.64 -42.89 -9.63
CB PCA C 1 7.30 -41.77 -10.60
CG PCA C 1 6.18 -42.29 -11.48
CD PCA C 1 6.13 -43.75 -11.13
OE PCA C 1 5.42 -44.54 -11.73
C PCA C 1 7.22 -42.51 -8.23
O PCA C 1 6.09 -42.76 -7.82
N VAL C 2 8.16 -41.92 -7.50
CA VAL C 2 7.85 -41.41 -6.16
C VAL C 2 6.88 -40.25 -6.34
N GLN C 3 5.78 -40.28 -5.60
CA GLN C 3 4.82 -39.19 -5.59
C GLN C 3 4.42 -38.88 -4.15
N LEU C 4 4.35 -37.60 -3.84
CA LEU C 4 3.77 -37.11 -2.59
C LEU C 4 2.55 -36.27 -2.94
N GLN C 5 1.38 -36.71 -2.50
CA GLN C 5 0.12 -36.08 -2.86
C GLN C 5 -0.48 -35.42 -1.64
N GLN C 6 -0.62 -34.11 -1.69
CA GLN C 6 -1.10 -33.33 -0.56
C GLN C 6 -2.59 -33.01 -0.69
N SER C 7 -3.19 -32.73 0.46
CA SER C 7 -4.59 -32.34 0.49
C SER C 7 -4.78 -30.94 -0.12
N GLY C 8 -6.04 -30.61 -0.38
CA GLY C 8 -6.36 -29.43 -1.16
C GLY C 8 -6.30 -28.15 -0.36
N PRO C 9 -6.55 -27.04 -1.06
CA PRO C 9 -6.46 -25.71 -0.43
C PRO C 9 -7.48 -25.55 0.68
N GLU C 10 -7.10 -24.80 1.71
CA GLU C 10 -7.91 -24.60 2.90
C GLU C 10 -8.15 -23.13 3.17
N LEU C 11 -9.39 -22.77 3.46
CA LEU C 11 -9.75 -21.46 4.02
C LEU C 11 -10.16 -21.69 5.46
N VAL C 12 -9.45 -21.06 6.39
CA VAL C 12 -9.69 -21.31 7.81
C VAL C 12 -9.76 -19.98 8.54
N ARG C 13 -10.65 -19.89 9.53
CA ARG C 13 -10.79 -18.69 10.32
C ARG C 13 -9.64 -18.57 11.31
N PRO C 14 -9.23 -17.35 11.65
CA PRO C 14 -8.20 -17.18 12.67
C PRO C 14 -8.59 -17.88 13.96
N GLY C 15 -7.60 -18.54 14.58
CA GLY C 15 -7.79 -19.18 15.86
C GLY C 15 -8.09 -20.66 15.79
N VAL C 16 -8.50 -21.18 14.63
CA VAL C 16 -8.79 -22.60 14.51
C VAL C 16 -7.50 -23.31 14.11
N SER C 17 -7.56 -24.63 14.01
CA SER C 17 -6.44 -25.43 13.56
C SER C 17 -6.72 -25.95 12.16
N VAL C 18 -5.65 -26.34 11.46
CA VAL C 18 -5.77 -27.00 10.15
C VAL C 18 -4.86 -28.21 10.15
N LYS C 19 -5.32 -29.31 9.57
CA LYS C 19 -4.52 -30.53 9.49
C LYS C 19 -4.40 -30.90 8.02
N ILE C 20 -3.15 -30.93 7.53
N ILE C 20 -3.19 -30.96 7.52
CA ILE C 20 -2.78 -31.20 6.14
CA ILE C 20 -3.00 -31.24 6.10
C ILE C 20 -2.29 -32.62 6.03
C ILE C 20 -2.23 -32.55 5.96
N SER C 21 -2.53 -33.26 4.88
CA SER C 21 -2.04 -34.60 4.65
C SER C 21 -1.10 -34.65 3.46
N CYS C 22 -0.30 -35.71 3.45
CA CYS C 22 0.77 -35.91 2.48
C CYS C 22 0.89 -37.42 2.32
N LYS C 23 0.34 -37.97 1.24
CA LYS C 23 0.37 -39.40 1.01
C LYS C 23 1.48 -39.76 0.03
N GLY C 24 2.38 -40.65 0.44
CA GLY C 24 3.47 -41.08 -0.41
C GLY C 24 3.10 -42.33 -1.19
N SER C 25 3.52 -42.37 -2.45
CA SER C 25 3.33 -43.55 -3.28
C SER C 25 4.57 -43.79 -4.13
N GLY C 26 4.73 -45.04 -4.56
CA GLY C 26 5.86 -45.40 -5.39
C GLY C 26 7.11 -45.82 -4.64
N TYR C 27 7.06 -45.90 -3.31
CA TYR C 27 8.21 -46.30 -2.52
C TYR C 27 7.69 -46.81 -1.18
N THR C 28 8.60 -47.36 -0.37
CA THR C 28 8.22 -47.83 0.96
C THR C 28 8.18 -46.64 1.89
N PHE C 29 6.96 -46.28 2.33
CA PHE C 29 6.76 -44.98 2.98
C PHE C 29 7.58 -44.86 4.25
N THR C 30 7.66 -45.92 5.06
CA THR C 30 8.35 -45.86 6.34
C THR C 30 9.87 -45.96 6.21
N ASP C 31 10.40 -46.14 5.01
CA ASP C 31 11.85 -46.09 4.82
C ASP C 31 12.41 -44.67 4.75
N TYR C 32 11.55 -43.65 4.67
CA TYR C 32 12.01 -42.27 4.48
C TYR C 32 11.23 -41.34 5.39
N ALA C 33 11.94 -40.43 6.04
CA ALA C 33 11.31 -39.39 6.84
C ALA C 33 10.65 -38.35 5.93
N ILE C 34 9.83 -37.50 6.53
CA ILE C 34 9.10 -36.47 5.79
C ILE C 34 9.44 -35.12 6.38
N HIS C 35 9.89 -34.19 5.53
CA HIS C 35 10.10 -32.80 5.87
C HIS C 35 8.83 -32.00 5.59
N TRP C 36 8.59 -30.97 6.40
CA TRP C 36 7.51 -30.02 6.15
C TRP C 36 8.09 -28.61 6.04
N VAL C 37 7.65 -27.87 5.01
CA VAL C 37 8.23 -26.58 4.67
C VAL C 37 7.11 -25.59 4.38
N LYS C 38 7.26 -24.37 4.87
CA LYS C 38 6.32 -23.28 4.69
C LYS C 38 6.86 -22.28 3.68
N GLN C 39 6.03 -21.88 2.71
CA GLN C 39 6.40 -20.84 1.74
C GLN C 39 5.36 -19.72 1.81
N SER C 40 5.71 -18.63 2.51
CA SER C 40 4.76 -17.53 2.65
C SER C 40 4.81 -16.59 1.45
N HIS C 41 5.86 -16.62 0.65
CA HIS C 41 5.93 -15.86 -0.59
C HIS C 41 7.09 -16.42 -1.41
N ALA C 42 7.26 -15.89 -2.62
CA ALA C 42 8.13 -16.54 -3.60
C ALA C 42 9.60 -16.57 -3.15
N LYS C 43 10.00 -15.70 -2.22
CA LYS C 43 11.39 -15.64 -1.77
C LYS C 43 11.55 -16.11 -0.33
N SER C 44 10.63 -16.94 0.16
CA SER C 44 10.71 -17.44 1.53
C SER C 44 10.39 -18.93 1.55
N LEU C 45 11.36 -19.72 2.02
CA LEU C 45 11.13 -21.10 2.39
C LEU C 45 11.57 -21.26 3.84
N GLU C 46 10.70 -21.81 4.67
CA GLU C 46 10.99 -21.97 6.08
C GLU C 46 10.71 -23.40 6.50
N TRP C 47 11.70 -24.05 7.09
CA TRP C 47 11.57 -25.42 7.54
C TRP C 47 10.76 -25.48 8.82
N ILE C 48 9.73 -26.33 8.83
CA ILE C 48 8.89 -26.53 10.01
C ILE C 48 9.42 -27.65 10.89
N GLY C 49 9.83 -28.75 10.27
CA GLY C 49 10.35 -29.87 11.03
C GLY C 49 10.42 -31.10 10.15
N VAL C 50 10.90 -32.18 10.75
CA VAL C 50 11.06 -33.46 10.07
C VAL C 50 10.46 -34.55 10.95
N PHE C 51 9.71 -35.45 10.33
CA PHE C 51 9.00 -36.51 11.04
C PHE C 51 9.54 -37.86 10.56
N SER C 52 9.95 -38.71 11.50
CA SER C 52 10.37 -40.06 11.17
C SER C 52 9.13 -40.92 10.99
N THR C 53 8.90 -41.40 9.77
CA THR C 53 7.73 -42.24 9.51
C THR C 53 7.86 -43.60 10.18
N TYR C 54 9.09 -44.02 10.49
CA TYR C 54 9.34 -45.33 11.09
C TYR C 54 9.15 -45.29 12.60
N TYR C 55 9.74 -44.29 13.27
CA TYR C 55 9.75 -44.24 14.73
C TYR C 55 8.78 -43.23 15.31
N GLY C 56 8.28 -42.29 14.52
CA GLY C 56 7.48 -41.22 15.06
C GLY C 56 8.27 -40.12 15.73
N ASN C 57 9.60 -40.23 15.77
CA ASN C 57 10.42 -39.15 16.31
C ASN C 57 10.28 -37.92 15.43
N THR C 58 10.29 -36.75 16.08
CA THR C 58 10.10 -35.47 15.42
C THR C 58 11.18 -34.49 15.86
N ASN C 59 11.54 -33.60 14.95
CA ASN C 59 12.42 -32.48 15.26
C ASN C 59 11.75 -31.25 14.68
N TYR C 60 11.42 -30.27 15.53
CA TYR C 60 10.68 -29.10 15.12
C TYR C 60 11.57 -27.87 15.11
N ASN C 61 11.30 -27.00 14.15
CA ASN C 61 11.80 -25.63 14.22
C ASN C 61 11.14 -24.94 15.41
N GLN C 62 11.96 -24.41 16.33
CA GLN C 62 11.41 -23.78 17.52
C GLN C 62 10.56 -22.57 17.20
N LYS C 63 10.72 -21.97 16.02
CA LYS C 63 9.99 -20.76 15.65
C LYS C 63 8.49 -20.97 15.57
N PHE C 64 8.04 -22.21 15.52
CA PHE C 64 6.62 -22.45 15.41
C PHE C 64 5.96 -22.59 16.77
N LYS C 65 6.74 -22.45 17.86
CA LYS C 65 6.22 -22.31 19.22
C LYS C 65 5.35 -23.52 19.61
N GLY C 66 5.75 -24.70 19.15
CA GLY C 66 5.01 -25.92 19.44
C GLY C 66 3.61 -25.98 18.81
N ARG C 67 3.29 -25.06 17.91
CA ARG C 67 1.95 -25.08 17.31
C ARG C 67 1.80 -26.13 16.22
N ALA C 68 2.89 -26.73 15.77
CA ALA C 68 2.84 -27.73 14.72
C ALA C 68 2.98 -29.12 15.33
N THR C 69 2.13 -30.04 14.88
CA THR C 69 2.18 -31.44 15.31
C THR C 69 2.22 -32.34 14.10
N MET C 70 3.27 -33.15 13.99
CA MET C 70 3.43 -34.09 12.89
C MET C 70 3.08 -35.50 13.36
N THR C 71 2.24 -36.18 12.58
CA THR C 71 1.79 -37.54 12.87
C THR C 71 1.78 -38.36 11.59
N VAL C 72 1.49 -39.65 11.73
CA VAL C 72 1.51 -40.56 10.58
C VAL C 72 0.41 -41.61 10.71
N ASP C 73 -0.09 -42.05 9.56
CA ASP C 73 -0.90 -43.26 9.43
C ASP C 73 -0.10 -44.20 8.53
N LYS C 74 0.67 -45.12 9.12
CA LYS C 74 1.57 -45.95 8.33
C LYS C 74 0.81 -46.84 7.36
N SER C 75 -0.37 -47.33 7.75
CA SER C 75 -1.09 -48.28 6.91
C SER C 75 -1.53 -47.66 5.59
N SER C 76 -1.75 -46.34 5.56
CA SER C 76 -2.12 -45.65 4.34
C SER C 76 -0.99 -44.80 3.78
N SER C 77 0.22 -44.93 4.34
CA SER C 77 1.38 -44.20 3.83
C SER C 77 1.14 -42.70 3.78
N THR C 78 0.58 -42.15 4.85
CA THR C 78 0.20 -40.75 4.88
C THR C 78 0.78 -40.07 6.11
N ALA C 79 1.46 -38.95 5.90
CA ALA C 79 1.91 -38.07 6.96
C ALA C 79 0.95 -36.91 7.12
N TYR C 80 0.80 -36.43 8.35
CA TYR C 80 -0.05 -35.29 8.62
C TYR C 80 0.70 -34.22 9.38
N MET C 81 0.32 -32.98 9.14
CA MET C 81 0.82 -31.86 9.93
CA MET C 81 0.83 -31.84 9.89
C MET C 81 -0.36 -31.00 10.33
N GLU C 82 -0.50 -30.80 11.63
CA GLU C 82 -1.55 -29.97 12.18
C GLU C 82 -0.91 -28.69 12.71
N LEU C 83 -1.45 -27.55 12.32
CA LEU C 83 -0.95 -26.27 12.79
C LEU C 83 -2.08 -25.60 13.54
N ALA C 84 -1.86 -25.25 14.80
CA ALA C 84 -2.92 -24.78 15.69
C ALA C 84 -2.88 -23.27 15.85
N ARG C 85 -4.01 -22.72 16.30
CA ARG C 85 -4.15 -21.31 16.67
C ARG C 85 -3.67 -20.40 15.54
N LEU C 86 -4.29 -20.58 14.38
CA LEU C 86 -3.81 -19.92 13.16
C LEU C 86 -4.06 -18.42 13.21
N THR C 87 -3.13 -17.66 12.63
CA THR C 87 -3.31 -16.24 12.37
C THR C 87 -3.00 -15.97 10.91
N SER C 88 -3.20 -14.72 10.49
CA SER C 88 -2.91 -14.33 9.11
C SER C 88 -1.47 -14.62 8.74
N GLU C 89 -0.55 -14.64 9.71
CA GLU C 89 0.84 -14.93 9.40
C GLU C 89 1.06 -16.38 8.97
N ASP C 90 0.07 -17.24 9.19
CA ASP C 90 0.16 -18.64 8.78
C ASP C 90 -0.38 -18.87 7.38
N SER C 91 -0.93 -17.85 6.73
CA SER C 91 -1.33 -17.99 5.33
C SER C 91 -0.10 -18.23 4.49
N ALA C 92 -0.05 -19.36 3.80
CA ALA C 92 1.17 -19.78 3.10
C ALA C 92 0.85 -21.04 2.32
N ILE C 93 1.80 -21.44 1.47
CA ILE C 93 1.81 -22.76 0.88
C ILE C 93 2.63 -23.65 1.78
N TYR C 94 2.10 -24.82 2.10
CA TYR C 94 2.79 -25.80 2.95
C TYR C 94 3.15 -27.01 2.09
N TYR C 95 4.42 -27.39 2.10
CA TYR C 95 4.90 -28.54 1.35
C TYR C 95 5.32 -29.66 2.29
N CYS C 96 5.10 -30.89 1.87
CA CYS C 96 5.87 -31.99 2.40
C CYS C 96 6.93 -32.39 1.38
N ALA C 97 8.02 -32.95 1.87
CA ALA C 97 9.08 -33.44 0.99
C ALA C 97 9.72 -34.63 1.66
N ARG C 98 10.18 -35.57 0.85
CA ARG C 98 10.84 -36.74 1.36
C ARG C 98 12.28 -36.40 1.76
N LYS C 99 12.70 -36.90 2.91
CA LYS C 99 14.11 -36.82 3.31
C LYS C 99 14.87 -37.96 2.66
N SER C 100 15.91 -37.63 1.90
CA SER C 100 16.75 -38.68 1.34
C SER C 100 18.19 -38.20 1.26
N TYR C 101 19.08 -39.13 0.93
CA TYR C 101 20.48 -38.84 0.76
C TYR C 101 20.87 -39.14 -0.68
N TYR C 102 21.26 -38.11 -1.41
CA TYR C 102 21.96 -38.33 -2.68
C TYR C 102 23.46 -38.35 -2.47
N VAL C 103 23.92 -37.61 -1.49
CA VAL C 103 25.29 -37.68 -0.99
C VAL C 103 25.20 -38.27 0.40
N ASP C 104 26.02 -39.29 0.66
CA ASP C 104 26.03 -39.93 1.97
C ASP C 104 26.10 -38.88 3.07
N TYR C 105 25.22 -39.02 4.07
CA TYR C 105 25.18 -38.24 5.31
C TYR C 105 24.61 -36.84 5.14
N VAL C 106 24.26 -36.41 3.94
CA VAL C 106 23.75 -35.05 3.71
C VAL C 106 22.24 -35.11 3.54
N ASP C 107 21.51 -34.57 4.51
CA ASP C 107 20.04 -34.49 4.48
C ASP C 107 19.59 -33.67 3.28
N ALA C 108 18.77 -34.26 2.42
CA ALA C 108 18.22 -33.55 1.28
C ALA C 108 16.72 -33.82 1.20
N MET C 109 16.03 -32.95 0.48
CA MET C 109 14.58 -33.01 0.33
C MET C 109 14.32 -33.27 -1.14
N ASP C 110 13.96 -34.49 -1.52
CA ASP C 110 14.18 -34.88 -2.91
C ASP C 110 12.92 -35.00 -3.76
N TYR C 111 11.78 -35.35 -3.18
CA TYR C 111 10.52 -35.31 -3.91
C TYR C 111 9.57 -34.50 -3.05
N TRP C 112 9.01 -33.46 -3.63
CA TRP C 112 8.14 -32.56 -2.88
C TRP C 112 6.68 -32.76 -3.31
N GLY C 113 5.78 -32.66 -2.34
CA GLY C 113 4.37 -32.57 -2.66
C GLY C 113 4.06 -31.32 -3.46
N GLN C 114 2.85 -31.27 -3.99
CA GLN C 114 2.45 -30.16 -4.84
C GLN C 114 2.16 -28.89 -4.04
N GLY C 115 2.08 -29.00 -2.72
CA GLY C 115 1.81 -27.88 -1.87
C GLY C 115 0.33 -27.78 -1.55
N THR C 116 0.05 -27.29 -0.34
CA THR C 116 -1.30 -27.02 0.14
C THR C 116 -1.36 -25.55 0.53
N SER C 117 -2.22 -24.79 -0.15
CA SER C 117 -2.33 -23.37 0.11
C SER C 117 -3.35 -23.15 1.23
N VAL C 118 -2.92 -22.52 2.32
CA VAL C 118 -3.78 -22.23 3.46
C VAL C 118 -4.01 -20.72 3.52
N THR C 119 -5.27 -20.31 3.53
CA THR C 119 -5.65 -18.91 3.69
C THR C 119 -6.31 -18.77 5.04
N VAL C 120 -5.74 -17.94 5.92
CA VAL C 120 -6.32 -17.70 7.24
C VAL C 120 -7.04 -16.36 7.19
N SER C 121 -8.36 -16.37 7.28
CA SER C 121 -9.11 -15.14 7.04
C SER C 121 -10.52 -15.29 7.59
N SER C 122 -11.08 -14.16 8.02
CA SER C 122 -12.50 -14.08 8.38
C SER C 122 -13.41 -13.78 7.19
N ALA C 123 -12.85 -13.55 6.01
CA ALA C 123 -13.65 -13.11 4.88
C ALA C 123 -14.54 -14.23 4.34
N SER C 124 -15.64 -13.83 3.70
CA SER C 124 -16.66 -14.75 3.24
C SER C 124 -16.36 -15.28 1.84
N THR C 125 -16.60 -16.57 1.66
CA THR C 125 -16.54 -17.17 0.33
C THR C 125 -17.54 -16.50 -0.61
N THR C 126 -17.06 -16.10 -1.79
CA THR C 126 -17.84 -15.31 -2.75
C THR C 126 -17.51 -15.85 -4.15
N PRO C 127 -18.50 -16.18 -4.95
CA PRO C 127 -18.23 -16.66 -6.32
C PRO C 127 -17.81 -15.52 -7.22
N PRO C 128 -17.10 -15.81 -8.30
CA PRO C 128 -16.67 -14.77 -9.23
C PRO C 128 -17.79 -14.32 -10.14
N SER C 129 -17.68 -13.06 -10.57
CA SER C 129 -18.37 -12.59 -11.76
C SER C 129 -17.42 -12.76 -12.93
N VAL C 130 -17.90 -13.30 -14.04
CA VAL C 130 -17.05 -13.63 -15.18
C VAL C 130 -17.48 -12.73 -16.33
N TYR C 131 -16.56 -11.88 -16.80
CA TYR C 131 -16.90 -10.89 -17.81
C TYR C 131 -16.11 -11.17 -19.08
N PRO C 132 -16.80 -11.39 -20.20
CA PRO C 132 -16.10 -11.62 -21.47
C PRO C 132 -15.60 -10.30 -22.05
N LEU C 133 -14.37 -10.32 -22.58
CA LEU C 133 -13.75 -9.13 -23.15
C LEU C 133 -13.56 -9.33 -24.64
N ALA C 134 -14.43 -8.72 -25.42
CA ALA C 134 -14.34 -8.66 -26.86
C ALA C 134 -13.71 -7.33 -27.29
N PRO C 135 -12.99 -7.30 -28.42
CA PRO C 135 -12.32 -6.09 -28.91
C PRO C 135 -13.21 -4.86 -29.09
N GLN C 140 -6.70 -6.12 -36.99
CA GLN C 140 -6.29 -5.86 -38.36
C GLN C 140 -6.05 -7.17 -39.11
N THR C 141 -6.15 -7.09 -40.44
CA THR C 141 -6.10 -8.25 -41.31
C THR C 141 -4.76 -8.98 -41.20
N ASN C 142 -4.85 -10.32 -41.24
CA ASN C 142 -3.68 -11.21 -41.30
C ASN C 142 -2.81 -11.11 -40.07
N SER C 143 -3.42 -10.83 -38.92
CA SER C 143 -2.63 -10.81 -37.72
C SER C 143 -3.23 -11.79 -36.72
N MET C 144 -3.02 -11.51 -35.45
CA MET C 144 -3.63 -12.28 -34.39
C MET C 144 -4.62 -11.37 -33.69
N VAL C 145 -5.71 -11.94 -33.20
CA VAL C 145 -6.67 -11.20 -32.40
C VAL C 145 -6.60 -11.73 -30.98
N THR C 146 -6.60 -10.81 -30.01
CA THR C 146 -6.57 -11.14 -28.60
C THR C 146 -7.95 -10.93 -27.99
N LEU C 147 -8.42 -11.93 -27.25
CA LEU C 147 -9.68 -11.87 -26.51
C LEU C 147 -9.35 -12.01 -25.04
N GLY C 148 -10.30 -11.65 -24.17
CA GLY C 148 -10.01 -11.60 -22.76
C GLY C 148 -11.18 -12.11 -21.92
N CYS C 149 -10.85 -12.35 -20.65
CA CYS C 149 -11.83 -12.78 -19.68
C CYS C 149 -11.45 -12.16 -18.35
N LEU C 150 -12.37 -11.42 -17.72
CA LEU C 150 -12.12 -10.77 -16.44
C LEU C 150 -12.91 -11.51 -15.38
N VAL C 151 -12.21 -12.03 -14.38
CA VAL C 151 -12.80 -12.89 -13.36
C VAL C 151 -12.74 -12.09 -12.06
N LYS C 152 -13.88 -11.54 -11.62
CA LYS C 152 -13.84 -10.44 -10.66
C LYS C 152 -14.64 -10.76 -9.41
N GLY C 153 -14.06 -10.39 -8.27
CA GLY C 153 -14.80 -10.35 -7.03
C GLY C 153 -15.03 -11.68 -6.33
N TYR C 154 -14.04 -12.56 -6.37
CA TYR C 154 -14.20 -13.88 -5.74
C TYR C 154 -13.30 -14.03 -4.51
N PHE C 155 -13.68 -14.98 -3.67
CA PHE C 155 -12.86 -15.32 -2.51
C PHE C 155 -13.25 -16.72 -2.05
N PRO C 156 -12.29 -17.54 -1.63
CA PRO C 156 -10.84 -17.38 -1.67
C PRO C 156 -10.27 -17.85 -3.00
N GLU C 157 -8.95 -17.85 -3.12
CA GLU C 157 -8.31 -18.56 -4.21
C GLU C 157 -8.45 -20.06 -3.98
N PRO C 158 -8.31 -20.88 -5.04
CA PRO C 158 -8.02 -20.58 -6.44
C PRO C 158 -9.25 -20.50 -7.33
N VAL C 159 -9.05 -19.95 -8.52
CA VAL C 159 -9.94 -20.20 -9.66
C VAL C 159 -9.11 -20.90 -10.72
N THR C 160 -9.79 -21.63 -11.58
CA THR C 160 -9.16 -22.25 -12.73
C THR C 160 -9.80 -21.64 -13.97
N VAL C 161 -8.98 -21.04 -14.84
CA VAL C 161 -9.45 -20.44 -16.07
C VAL C 161 -8.91 -21.26 -17.23
N THR C 162 -9.82 -21.69 -18.12
CA THR C 162 -9.43 -22.35 -19.35
C THR C 162 -10.15 -21.69 -20.51
N TRP C 163 -9.68 -22.00 -21.71
CA TRP C 163 -10.23 -21.47 -22.94
C TRP C 163 -10.66 -22.63 -23.80
N ASN C 164 -11.92 -22.62 -24.25
CA ASN C 164 -12.50 -23.73 -25.00
C ASN C 164 -12.25 -25.06 -24.28
N SER C 165 -12.49 -25.05 -22.96
CA SER C 165 -12.37 -26.24 -22.09
C SER C 165 -10.97 -26.83 -22.15
N GLY C 166 -9.96 -26.01 -22.35
CA GLY C 166 -8.59 -26.45 -22.41
C GLY C 166 -8.07 -26.70 -23.80
N SER C 167 -8.93 -26.67 -24.82
CA SER C 167 -8.49 -26.90 -26.18
C SER C 167 -7.57 -25.79 -26.68
N LEU C 168 -7.79 -24.56 -26.25
CA LEU C 168 -6.89 -23.46 -26.56
C LEU C 168 -5.98 -23.28 -25.34
N SER C 169 -4.72 -23.60 -25.51
CA SER C 169 -3.76 -23.45 -24.41
C SER C 169 -2.53 -22.64 -24.82
N SER C 170 -2.02 -22.82 -26.03
CA SER C 170 -0.94 -21.96 -26.49
C SER C 170 -1.46 -20.54 -26.68
N GLY C 171 -0.60 -19.57 -26.41
CA GLY C 171 -1.08 -18.20 -26.56
C GLY C 171 -2.11 -17.75 -25.53
N VAL C 172 -2.25 -18.46 -24.42
CA VAL C 172 -3.04 -18.00 -23.28
C VAL C 172 -2.07 -17.36 -22.29
N HIS C 173 -2.48 -16.24 -21.70
CA HIS C 173 -1.80 -15.68 -20.53
C HIS C 173 -2.84 -15.49 -19.45
N THR C 174 -2.67 -16.18 -18.32
CA THR C 174 -3.54 -15.99 -17.19
C THR C 174 -2.74 -15.32 -16.08
N PHE C 175 -3.24 -14.19 -15.63
CA PHE C 175 -2.41 -13.33 -14.80
C PHE C 175 -2.69 -13.57 -13.33
N PRO C 176 -1.68 -13.43 -12.48
CA PRO C 176 -1.88 -13.58 -11.04
C PRO C 176 -3.00 -12.67 -10.55
N ALA C 177 -3.81 -13.18 -9.64
CA ALA C 177 -4.89 -12.39 -9.09
C ALA C 177 -4.36 -11.28 -8.19
N VAL C 178 -5.15 -10.22 -8.10
CA VAL C 178 -4.88 -9.10 -7.22
C VAL C 178 -5.96 -9.09 -6.16
N LEU C 179 -5.57 -8.90 -4.91
CA LEU C 179 -6.49 -8.91 -3.77
C LEU C 179 -6.77 -7.47 -3.36
N GLN C 180 -8.05 -7.12 -3.22
CA GLN C 180 -8.44 -5.82 -2.72
C GLN C 180 -9.78 -5.95 -1.99
N SER C 181 -9.86 -5.37 -0.79
CA SER C 181 -11.09 -5.39 0.00
C SER C 181 -11.65 -6.80 0.14
N ASP C 182 -10.76 -7.75 0.43
CA ASP C 182 -11.10 -9.16 0.70
C ASP C 182 -11.67 -9.87 -0.53
N LEU C 183 -11.44 -9.34 -1.74
CA LEU C 183 -11.88 -10.00 -2.96
C LEU C 183 -10.77 -10.02 -3.99
N TYR C 184 -10.69 -11.11 -4.74
CA TYR C 184 -9.68 -11.29 -5.77
C TYR C 184 -10.25 -10.94 -7.13
N THR C 185 -9.38 -10.46 -8.01
CA THR C 185 -9.72 -10.27 -9.41
C THR C 185 -8.54 -10.74 -10.25
N LEU C 186 -8.83 -11.47 -11.32
CA LEU C 186 -7.77 -11.81 -12.25
C LEU C 186 -8.31 -11.69 -13.66
N SER C 187 -7.39 -11.71 -14.60
CA SER C 187 -7.74 -11.65 -16.01
C SER C 187 -6.95 -12.71 -16.76
N SER C 188 -7.46 -13.07 -17.95
CA SER C 188 -6.80 -14.03 -18.81
C SER C 188 -7.00 -13.57 -20.24
N SER C 189 -5.97 -13.70 -21.05
CA SER C 189 -6.07 -13.38 -22.47
C SER C 189 -5.81 -14.63 -23.29
N VAL C 190 -6.39 -14.67 -24.49
CA VAL C 190 -6.09 -15.70 -25.46
C VAL C 190 -5.92 -15.03 -26.82
N THR C 191 -5.01 -15.54 -27.62
CA THR C 191 -4.74 -14.97 -28.93
C THR C 191 -4.94 -16.06 -29.99
N VAL C 192 -5.72 -15.73 -31.02
CA VAL C 192 -6.01 -16.68 -32.09
C VAL C 192 -5.84 -15.97 -33.42
N PRO C 193 -5.72 -16.72 -34.53
CA PRO C 193 -5.64 -16.06 -35.84
C PRO C 193 -6.87 -15.22 -36.09
N SER C 194 -6.65 -14.02 -36.65
CA SER C 194 -7.74 -13.07 -36.78
C SER C 194 -8.84 -13.58 -37.70
N SER C 195 -8.52 -14.43 -38.68
CA SER C 195 -9.57 -14.97 -39.52
C SER C 195 -10.46 -15.98 -38.80
N THR C 196 -10.17 -16.35 -37.55
CA THR C 196 -10.90 -17.42 -36.88
C THR C 196 -11.82 -16.95 -35.76
N TRP C 197 -11.94 -15.64 -35.54
CA TRP C 197 -12.91 -15.16 -34.54
C TRP C 197 -13.41 -13.84 -35.12
N PRO C 198 -14.73 -13.59 -35.16
CA PRO C 198 -15.76 -14.45 -34.55
C PRO C 198 -16.29 -15.59 -35.43
N SER C 199 -15.62 -15.97 -36.52
CA SER C 199 -16.13 -17.07 -37.33
C SER C 199 -16.14 -18.39 -36.56
N GLU C 200 -15.22 -18.58 -35.61
CA GLU C 200 -15.20 -19.75 -34.74
C GLU C 200 -15.36 -19.29 -33.30
N THR C 201 -15.97 -20.14 -32.49
CA THR C 201 -16.32 -19.77 -31.13
C THR C 201 -15.12 -19.84 -30.20
N VAL C 202 -15.00 -18.84 -29.33
CA VAL C 202 -14.02 -18.84 -28.25
C VAL C 202 -14.77 -18.62 -26.95
N THR C 203 -14.50 -19.47 -25.96
CA THR C 203 -15.23 -19.47 -24.69
C THR C 203 -14.24 -19.46 -23.52
N CYS C 204 -14.49 -18.60 -22.55
CA CYS C 204 -13.79 -18.58 -21.28
C CYS C 204 -14.52 -19.50 -20.31
N ASN C 205 -13.81 -20.45 -19.70
CA ASN C 205 -14.39 -21.32 -18.67
C ASN C 205 -13.75 -21.00 -17.32
N VAL C 206 -14.57 -20.80 -16.30
CA VAL C 206 -14.06 -20.43 -14.99
C VAL C 206 -14.62 -21.40 -13.96
N ALA C 207 -13.74 -21.99 -13.15
CA ALA C 207 -14.17 -22.86 -12.07
C ALA C 207 -13.70 -22.24 -10.76
N HIS C 208 -14.60 -22.16 -9.79
CA HIS C 208 -14.26 -21.67 -8.46
C HIS C 208 -14.69 -22.76 -7.48
N PRO C 209 -13.80 -23.68 -7.13
CA PRO C 209 -14.24 -24.82 -6.31
C PRO C 209 -14.78 -24.41 -4.96
N ALA C 210 -14.29 -23.33 -4.37
CA ALA C 210 -14.71 -22.99 -3.01
C ALA C 210 -16.20 -22.65 -2.96
N SER C 211 -16.74 -22.06 -4.02
CA SER C 211 -18.17 -21.77 -4.09
C SER C 211 -18.91 -22.79 -4.94
N SER C 212 -18.23 -23.86 -5.35
CA SER C 212 -18.81 -24.91 -6.19
C SER C 212 -19.51 -24.32 -7.42
N THR C 213 -18.79 -23.42 -8.10
CA THR C 213 -19.29 -22.67 -9.26
C THR C 213 -18.46 -23.00 -10.49
N LYS C 214 -19.13 -23.20 -11.62
CA LYS C 214 -18.47 -23.20 -12.91
C LYS C 214 -19.26 -22.31 -13.85
N VAL C 215 -18.56 -21.44 -14.58
CA VAL C 215 -19.20 -20.52 -15.52
C VAL C 215 -18.49 -20.63 -16.86
N ASP C 216 -19.28 -20.71 -17.95
CA ASP C 216 -18.75 -20.60 -19.29
C ASP C 216 -19.33 -19.35 -19.92
N LYS C 217 -18.46 -18.49 -20.47
CA LYS C 217 -18.89 -17.28 -21.19
C LYS C 217 -18.27 -17.30 -22.57
N LYS C 218 -19.09 -17.41 -23.62
CA LYS C 218 -18.55 -17.20 -24.97
C LYS C 218 -18.11 -15.75 -25.11
N ILE C 219 -17.04 -15.53 -25.86
CA ILE C 219 -16.63 -14.18 -26.21
C ILE C 219 -17.42 -13.78 -27.46
N VAL C 220 -18.36 -12.87 -27.29
CA VAL C 220 -19.35 -12.54 -28.32
C VAL C 220 -18.94 -11.21 -28.96
N PRO C 221 -18.94 -11.12 -30.28
CA PRO C 221 -18.61 -9.87 -30.96
C PRO C 221 -19.53 -8.71 -30.58
N ASP D 1 20.44 -19.61 14.52
CA ASP D 1 20.35 -20.48 13.36
C ASP D 1 21.28 -19.99 12.26
N ILE D 2 21.62 -20.88 11.33
CA ILE D 2 22.51 -20.49 10.23
C ILE D 2 21.71 -19.71 9.21
N VAL D 3 22.15 -18.50 8.92
CA VAL D 3 21.50 -17.63 7.96
C VAL D 3 22.21 -17.79 6.63
N LEU D 4 21.44 -17.97 5.56
CA LEU D 4 22.00 -18.12 4.21
C LEU D 4 21.62 -16.89 3.41
N THR D 5 22.62 -16.23 2.82
CA THR D 5 22.43 -14.98 2.10
C THR D 5 22.86 -15.17 0.65
N GLN D 6 21.91 -15.04 -0.27
CA GLN D 6 22.22 -15.23 -1.68
C GLN D 6 22.48 -13.90 -2.36
N SER D 7 23.28 -13.97 -3.42
CA SER D 7 23.58 -12.82 -4.26
C SER D 7 23.66 -13.32 -5.70
N PRO D 8 23.18 -12.54 -6.68
CA PRO D 8 22.40 -11.32 -6.51
C PRO D 8 20.93 -11.66 -6.29
N ALA D 9 20.06 -10.66 -6.25
CA ALA D 9 18.63 -10.93 -6.15
C ALA D 9 18.10 -11.49 -7.46
N SER D 10 18.62 -10.99 -8.58
CA SER D 10 18.18 -11.41 -9.89
C SER D 10 19.36 -11.27 -10.84
N LEU D 11 19.40 -12.13 -11.85
CA LEU D 11 20.47 -12.13 -12.84
C LEU D 11 19.87 -12.48 -14.20
N ALA D 12 20.36 -11.82 -15.25
CA ALA D 12 19.92 -12.09 -16.60
C ALA D 12 21.11 -12.63 -17.40
N VAL D 13 20.93 -13.80 -18.00
CA VAL D 13 22.02 -14.51 -18.68
C VAL D 13 21.53 -14.99 -20.04
N SER D 14 22.41 -14.88 -21.05
CA SER D 14 22.05 -15.29 -22.41
C SER D 14 22.15 -16.81 -22.56
N LEU D 15 21.34 -17.33 -23.49
CA LEU D 15 21.39 -18.75 -23.82
C LEU D 15 22.81 -19.17 -24.17
N GLY D 16 23.23 -20.30 -23.62
CA GLY D 16 24.55 -20.83 -23.87
C GLY D 16 25.65 -20.30 -22.97
N GLN D 17 25.39 -19.21 -22.24
CA GLN D 17 26.39 -18.63 -21.35
C GLN D 17 26.35 -19.32 -19.98
N ARG D 18 27.17 -18.84 -19.06
CA ARG D 18 27.27 -19.37 -17.71
C ARG D 18 26.64 -18.41 -16.72
N ALA D 19 25.77 -18.92 -15.86
CA ALA D 19 25.21 -18.17 -14.75
C ALA D 19 25.87 -18.61 -13.45
N THR D 20 26.15 -17.65 -12.58
CA THR D 20 26.76 -17.93 -11.28
C THR D 20 25.94 -17.26 -10.18
N ILE D 21 25.50 -18.05 -9.22
CA ILE D 21 24.66 -17.58 -8.13
C ILE D 21 25.39 -17.89 -6.84
N SER D 22 25.46 -16.91 -5.94
CA SER D 22 26.25 -17.01 -4.72
C SER D 22 25.35 -17.30 -3.51
N CYS D 23 25.86 -18.11 -2.58
CA CYS D 23 25.21 -18.33 -1.29
C CYS D 23 26.29 -18.26 -0.23
N ARG D 24 26.12 -17.40 0.77
CA ARG D 24 27.07 -17.33 1.87
C ARG D 24 26.35 -17.68 3.18
N ALA D 25 27.02 -18.47 4.00
CA ALA D 25 26.45 -18.91 5.27
C ALA D 25 27.06 -18.13 6.42
N SER D 26 26.27 -17.91 7.46
CA SER D 26 26.73 -17.15 8.61
C SER D 26 27.74 -17.93 9.46
N GLU D 27 27.80 -19.25 9.30
CA GLU D 27 28.90 -20.04 9.84
C GLU D 27 29.11 -21.23 8.93
N SER D 28 30.23 -21.93 9.15
CA SER D 28 30.63 -23.00 8.26
C SER D 28 29.57 -24.08 8.16
N VAL D 29 29.33 -24.56 6.94
CA VAL D 29 28.40 -25.67 6.75
C VAL D 29 29.16 -26.94 6.34
N ASP D 30 30.47 -26.97 6.63
CA ASP D 30 31.34 -28.09 6.31
C ASP D 30 31.68 -28.87 7.57
N ASN D 31 31.88 -30.17 7.39
CA ASN D 31 32.58 -30.96 8.40
C ASN D 31 33.07 -32.22 7.74
N TYR D 32 34.27 -32.67 8.14
CA TYR D 32 34.87 -33.89 7.59
C TYR D 32 35.04 -33.81 6.07
N GLY D 33 35.18 -32.59 5.54
CA GLY D 33 35.29 -32.42 4.11
C GLY D 33 33.99 -32.54 3.34
N ILE D 34 32.86 -32.68 4.05
CA ILE D 34 31.54 -32.70 3.45
C ILE D 34 30.94 -31.31 3.56
N SER D 35 30.40 -30.78 2.47
CA SER D 35 29.65 -29.54 2.50
C SER D 35 28.18 -29.88 2.58
N PHE D 36 27.55 -29.56 3.71
CA PHE D 36 26.14 -29.88 3.92
C PHE D 36 25.25 -28.80 3.30
N MET D 37 25.39 -28.62 1.97
CA MET D 37 24.70 -27.56 1.25
C MET D 37 24.02 -28.16 0.02
N ASN D 38 22.74 -27.82 -0.17
CA ASN D 38 21.94 -28.25 -1.30
C ASN D 38 21.48 -27.03 -2.09
N TRP D 39 21.14 -27.26 -3.35
CA TRP D 39 20.53 -26.22 -4.17
C TRP D 39 19.21 -26.71 -4.73
N PHE D 40 18.24 -25.79 -4.81
CA PHE D 40 16.91 -26.08 -5.32
C PHE D 40 16.54 -25.10 -6.43
N GLN D 41 15.75 -25.61 -7.37
CA GLN D 41 15.18 -24.81 -8.44
C GLN D 41 13.67 -24.77 -8.27
N GLN D 42 13.08 -23.58 -8.29
CA GLN D 42 11.62 -23.47 -8.20
C GLN D 42 11.07 -22.66 -9.36
N LYS D 43 10.37 -23.35 -10.24
CA LYS D 43 9.64 -22.69 -11.30
C LYS D 43 8.29 -22.23 -10.79
N PRO D 44 7.73 -21.17 -11.39
CA PRO D 44 6.47 -20.62 -10.86
C PRO D 44 5.36 -21.65 -10.87
N GLY D 45 4.55 -21.62 -9.82
CA GLY D 45 3.45 -22.55 -9.65
C GLY D 45 3.84 -23.94 -9.23
N GLN D 46 5.13 -24.22 -9.07
CA GLN D 46 5.62 -25.57 -8.83
C GLN D 46 6.36 -25.64 -7.49
N PRO D 47 6.47 -26.83 -6.91
CA PRO D 47 7.32 -26.99 -5.74
C PRO D 47 8.79 -26.85 -6.10
N PRO D 48 9.64 -26.56 -5.11
CA PRO D 48 11.08 -26.65 -5.32
C PRO D 48 11.48 -28.03 -5.79
N LYS D 49 12.54 -28.09 -6.59
CA LYS D 49 13.10 -29.34 -7.07
C LYS D 49 14.57 -29.39 -6.69
N LEU D 50 15.00 -30.52 -6.13
CA LEU D 50 16.40 -30.68 -5.75
C LEU D 50 17.28 -30.72 -7.00
N LEU D 51 18.28 -29.86 -7.04
CA LEU D 51 19.22 -29.73 -8.14
C LEU D 51 20.57 -30.37 -7.85
N ILE D 52 21.17 -29.97 -6.73
CA ILE D 52 22.52 -30.32 -6.33
C ILE D 52 22.50 -30.62 -4.84
N SER D 53 23.27 -31.62 -4.42
CA SER D 53 23.49 -31.88 -3.00
C SER D 53 24.98 -32.00 -2.76
N ALA D 54 25.50 -31.22 -1.82
CA ALA D 54 26.92 -31.19 -1.47
C ALA D 54 27.77 -30.84 -2.69
N ALA D 64 24.72 -32.31 -16.03
CA ALA D 64 26.02 -31.72 -15.75
C ALA D 64 25.97 -30.20 -15.92
N ARG D 65 24.80 -29.70 -16.31
CA ARG D 65 24.65 -28.26 -16.50
C ARG D 65 24.63 -27.50 -15.19
N PHE D 66 24.28 -28.17 -14.09
CA PHE D 66 24.21 -27.56 -12.77
C PHE D 66 25.33 -28.13 -11.92
N ILE D 67 26.17 -27.26 -11.39
CA ILE D 67 27.35 -27.66 -10.62
C ILE D 67 27.47 -26.76 -9.40
N GLY D 68 27.63 -27.36 -8.23
CA GLY D 68 27.92 -26.62 -7.02
C GLY D 68 29.41 -26.50 -6.77
N SER D 69 29.81 -25.35 -6.25
CA SER D 69 31.18 -25.09 -5.86
C SER D 69 31.22 -24.45 -4.48
N GLY D 70 32.38 -24.50 -3.86
CA GLY D 70 32.63 -23.74 -2.65
C GLY D 70 32.95 -24.63 -1.47
N SER D 71 33.17 -23.97 -0.33
CA SER D 71 33.53 -24.64 0.92
C SER D 71 33.38 -23.62 2.04
N GLY D 72 33.36 -24.14 3.26
CA GLY D 72 33.31 -23.29 4.44
C GLY D 72 32.01 -22.55 4.56
N THR D 73 32.04 -21.24 4.33
CA THR D 73 30.86 -20.39 4.32
C THR D 73 30.47 -19.95 2.93
N ASP D 74 31.27 -20.25 1.91
CA ASP D 74 31.19 -19.59 0.60
C ASP D 74 30.83 -20.60 -0.47
N PHE D 75 29.64 -20.46 -1.04
CA PHE D 75 29.12 -21.41 -2.01
C PHE D 75 28.56 -20.71 -3.23
N SER D 76 28.54 -21.44 -4.34
CA SER D 76 27.94 -20.91 -5.55
C SER D 76 27.39 -22.04 -6.39
N LEU D 77 26.37 -21.70 -7.18
CA LEU D 77 25.77 -22.58 -8.16
C LEU D 77 26.13 -22.04 -9.53
N ASN D 78 26.59 -22.93 -10.42
CA ASN D 78 26.90 -22.56 -11.78
C ASN D 78 26.02 -23.34 -12.74
N ILE D 79 25.45 -22.64 -13.72
CA ILE D 79 24.59 -23.23 -14.73
C ILE D 79 25.26 -22.99 -16.08
N HIS D 80 25.58 -24.08 -16.79
CA HIS D 80 26.27 -23.95 -18.06
C HIS D 80 26.05 -25.19 -18.92
N PRO D 81 25.51 -25.05 -20.13
CA PRO D 81 25.00 -23.80 -20.70
C PRO D 81 23.59 -23.47 -20.20
N VAL D 82 23.29 -22.17 -20.09
CA VAL D 82 21.96 -21.74 -19.72
C VAL D 82 20.97 -22.05 -20.84
N GLU D 83 19.78 -22.53 -20.47
CA GLU D 83 18.74 -22.87 -21.44
C GLU D 83 17.46 -22.15 -21.07
N GLU D 84 16.52 -22.09 -22.02
CA GLU D 84 15.32 -21.29 -21.85
C GLU D 84 14.52 -21.72 -20.63
N ASP D 85 14.46 -23.03 -20.37
CA ASP D 85 13.64 -23.52 -19.27
C ASP D 85 14.31 -23.33 -17.91
N ASP D 86 15.47 -22.69 -17.85
CA ASP D 86 16.16 -22.44 -16.60
C ASP D 86 15.63 -21.21 -15.87
N THR D 87 14.74 -20.44 -16.48
CA THR D 87 14.16 -19.32 -15.75
C THR D 87 13.38 -19.84 -14.54
N ALA D 88 13.77 -19.39 -13.36
CA ALA D 88 13.32 -20.00 -12.12
C ALA D 88 13.90 -19.20 -10.97
N MET D 89 13.40 -19.48 -9.76
CA MET D 89 14.03 -19.02 -8.54
C MET D 89 14.95 -20.12 -8.03
N TYR D 90 16.15 -19.76 -7.61
CA TYR D 90 17.13 -20.73 -7.11
C TYR D 90 17.39 -20.47 -5.64
N PHE D 91 17.35 -21.54 -4.84
CA PHE D 91 17.56 -21.47 -3.40
C PHE D 91 18.71 -22.36 -2.98
N CYS D 92 19.58 -21.86 -2.12
CA CYS D 92 20.47 -22.72 -1.36
C CYS D 92 19.81 -23.12 -0.04
N GLN D 93 20.31 -24.21 0.55
CA GLN D 93 19.70 -24.79 1.75
C GLN D 93 20.77 -25.57 2.49
N GLN D 94 20.89 -25.35 3.80
CA GLN D 94 21.95 -26.00 4.58
C GLN D 94 21.38 -27.10 5.47
N SER D 95 22.12 -28.21 5.53
CA SER D 95 21.80 -29.35 6.38
C SER D 95 22.90 -29.59 7.39
N LYS D 96 23.66 -28.55 7.71
CA LYS D 96 24.71 -28.62 8.74
C LYS D 96 24.12 -28.65 10.13
N GLU D 97 23.03 -27.92 10.36
CA GLU D 97 22.48 -27.85 11.70
C GLU D 97 20.97 -27.76 11.63
N VAL D 98 20.34 -28.09 12.75
CA VAL D 98 18.91 -27.94 12.97
C VAL D 98 18.68 -26.57 13.62
N PRO D 99 17.74 -25.76 13.11
CA PRO D 99 16.83 -26.06 12.02
C PRO D 99 17.47 -25.95 10.66
N ARG D 100 17.03 -26.78 9.71
CA ARG D 100 17.34 -26.53 8.30
C ARG D 100 16.92 -25.12 7.92
N THR D 101 17.73 -24.45 7.12
CA THR D 101 17.40 -23.10 6.67
C THR D 101 17.70 -22.96 5.19
N PHE D 102 16.99 -22.03 4.56
CA PHE D 102 17.11 -21.71 3.14
C PHE D 102 17.59 -20.28 2.96
N GLY D 103 18.24 -20.03 1.83
CA GLY D 103 18.50 -18.67 1.39
C GLY D 103 17.21 -17.99 0.94
N GLY D 104 17.33 -16.71 0.61
CA GLY D 104 16.21 -15.88 0.18
C GLY D 104 15.90 -15.94 -1.31
N GLY D 105 16.63 -16.76 -2.06
CA GLY D 105 16.31 -16.96 -3.47
C GLY D 105 16.99 -15.99 -4.40
N THR D 106 17.38 -16.50 -5.57
CA THR D 106 17.89 -15.68 -6.66
C THR D 106 17.10 -16.01 -7.91
N LYS D 107 16.56 -14.99 -8.57
CA LYS D 107 15.79 -15.17 -9.79
C LYS D 107 16.72 -15.17 -10.99
N LEU D 108 16.67 -16.25 -11.79
CA LEU D 108 17.42 -16.33 -13.04
C LEU D 108 16.49 -15.94 -14.17
N GLU D 109 16.83 -14.88 -14.88
CA GLU D 109 16.12 -14.45 -16.07
C GLU D 109 16.95 -14.79 -17.30
N ILE D 110 16.29 -15.30 -18.33
CA ILE D 110 16.94 -15.63 -19.59
C ILE D 110 16.93 -14.37 -20.44
N LYS D 111 18.11 -13.94 -20.90
CA LYS D 111 18.20 -12.74 -21.72
C LYS D 111 18.00 -13.14 -23.18
N ARG D 112 16.97 -12.59 -23.81
CA ARG D 112 16.70 -12.78 -25.22
C ARG D 112 16.76 -11.42 -25.91
N THR D 113 16.58 -11.44 -27.22
CA THR D 113 16.48 -10.18 -27.96
C THR D 113 15.25 -9.40 -27.51
N ASP D 114 15.35 -8.09 -27.57
CA ASP D 114 14.25 -7.25 -27.11
C ASP D 114 13.01 -7.50 -27.99
N ALA D 115 11.84 -7.42 -27.36
CA ALA D 115 10.57 -7.65 -28.06
C ALA D 115 9.56 -6.63 -27.59
N ALA D 116 8.93 -5.93 -28.54
CA ALA D 116 7.90 -4.96 -28.18
C ALA D 116 6.63 -5.68 -27.76
N PRO D 117 5.87 -5.09 -26.83
CA PRO D 117 4.62 -5.72 -26.40
C PRO D 117 3.56 -5.65 -27.48
N THR D 118 2.72 -6.68 -27.52
CA THR D 118 1.48 -6.64 -28.27
C THR D 118 0.41 -6.12 -27.33
N VAL D 119 -0.18 -4.96 -27.66
CA VAL D 119 -1.04 -4.23 -26.75
C VAL D 119 -2.48 -4.30 -27.25
N SER D 120 -3.40 -4.64 -26.33
CA SER D 120 -4.82 -4.77 -26.66
C SER D 120 -5.64 -4.11 -25.56
N ILE D 121 -6.61 -3.28 -25.93
CA ILE D 121 -7.47 -2.61 -24.95
C ILE D 121 -8.90 -3.12 -25.11
N PHE D 122 -9.63 -3.19 -23.98
CA PHE D 122 -10.98 -3.77 -23.98
C PHE D 122 -11.92 -2.89 -23.17
N PRO D 123 -13.05 -2.49 -23.73
CA PRO D 123 -14.04 -1.76 -22.94
C PRO D 123 -14.67 -2.68 -21.91
N PRO D 124 -15.31 -2.11 -20.90
CA PRO D 124 -16.07 -2.96 -19.96
C PRO D 124 -17.17 -3.73 -20.70
N SER D 125 -17.42 -4.93 -20.20
CA SER D 125 -18.51 -5.72 -20.75
C SER D 125 -19.85 -5.13 -20.35
N SER D 126 -20.86 -5.34 -21.21
CA SER D 126 -22.20 -4.91 -20.85
C SER D 126 -22.67 -5.55 -19.55
N GLU D 127 -22.26 -6.79 -19.29
CA GLU D 127 -22.68 -7.45 -18.07
C GLU D 127 -22.16 -6.74 -16.83
N GLN D 128 -20.90 -6.30 -16.86
CA GLN D 128 -20.38 -5.57 -15.70
C GLN D 128 -21.08 -4.23 -15.53
N LEU D 129 -21.35 -3.53 -16.64
CA LEU D 129 -21.97 -2.21 -16.54
C LEU D 129 -23.34 -2.29 -15.90
N THR D 130 -24.10 -3.35 -16.21
CA THR D 130 -25.39 -3.57 -15.57
C THR D 130 -25.27 -3.55 -14.05
N SER D 131 -24.18 -4.09 -13.52
CA SER D 131 -23.95 -4.14 -12.08
C SER D 131 -23.33 -2.86 -11.52
N GLY D 132 -23.17 -1.82 -12.34
CA GLY D 132 -22.68 -0.54 -11.85
C GLY D 132 -21.19 -0.34 -11.86
N GLY D 133 -20.42 -1.29 -12.38
CA GLY D 133 -18.98 -1.15 -12.40
C GLY D 133 -18.44 -1.09 -13.82
N ALA D 134 -17.21 -0.63 -13.97
CA ALA D 134 -16.66 -0.45 -15.31
C ALA D 134 -15.15 -0.64 -15.26
N SER D 135 -14.69 -1.83 -15.63
CA SER D 135 -13.27 -2.13 -15.68
C SER D 135 -12.82 -2.07 -17.13
N VAL D 136 -11.80 -1.28 -17.41
CA VAL D 136 -11.19 -1.22 -18.72
C VAL D 136 -9.87 -1.99 -18.63
N VAL D 137 -9.66 -2.93 -19.54
CA VAL D 137 -8.54 -3.87 -19.43
C VAL D 137 -7.57 -3.63 -20.58
N CYS D 138 -6.27 -3.60 -20.27
CA CYS D 138 -5.22 -3.50 -21.27
C CYS D 138 -4.25 -4.65 -21.08
N PHE D 139 -4.09 -5.48 -22.10
CA PHE D 139 -3.09 -6.53 -22.10
C PHE D 139 -1.86 -6.05 -22.87
N LEU D 140 -0.69 -6.31 -22.30
CA LEU D 140 0.59 -5.96 -22.92
C LEU D 140 1.37 -7.27 -22.91
N ASN D 141 1.37 -7.98 -24.03
CA ASN D 141 1.78 -9.37 -24.05
C ASN D 141 3.10 -9.57 -24.78
N ASN D 142 3.90 -10.51 -24.27
CA ASN D 142 5.05 -11.09 -24.97
C ASN D 142 6.12 -10.05 -25.30
N PHE D 143 6.61 -9.37 -24.25
CA PHE D 143 7.65 -8.38 -24.41
C PHE D 143 8.90 -8.76 -23.62
N TYR D 144 10.01 -8.10 -23.99
CA TYR D 144 11.27 -8.26 -23.29
C TYR D 144 12.09 -7.02 -23.54
N PRO D 145 12.76 -6.43 -22.54
CA PRO D 145 12.85 -6.85 -21.13
C PRO D 145 11.60 -6.57 -20.31
N LYS D 146 11.68 -6.88 -19.01
CA LYS D 146 10.51 -6.89 -18.14
C LYS D 146 10.03 -5.48 -17.82
N ASP D 147 10.94 -4.52 -17.79
CA ASP D 147 10.58 -3.15 -17.41
C ASP D 147 9.68 -2.53 -18.46
N ILE D 148 8.55 -1.98 -18.02
CA ILE D 148 7.60 -1.37 -18.93
C ILE D 148 6.76 -0.38 -18.13
N ASN D 149 6.31 0.68 -18.80
CA ASN D 149 5.47 1.70 -18.18
C ASN D 149 4.14 1.75 -18.90
N VAL D 150 3.05 1.66 -18.15
CA VAL D 150 1.70 1.78 -18.68
C VAL D 150 1.09 3.06 -18.12
N LYS D 151 0.53 3.87 -19.00
CA LYS D 151 -0.21 5.07 -18.62
C LYS D 151 -1.61 4.96 -19.18
N TRP D 152 -2.60 5.26 -18.34
CA TRP D 152 -3.99 5.33 -18.76
C TRP D 152 -4.34 6.79 -19.03
N LYS D 153 -5.00 7.05 -20.15
CA LYS D 153 -5.50 8.39 -20.44
C LYS D 153 -7.00 8.30 -20.68
N ILE D 154 -7.73 9.26 -20.14
CA ILE D 154 -9.16 9.40 -20.38
C ILE D 154 -9.39 10.77 -20.98
N ASP D 155 -9.92 10.79 -22.21
CA ASP D 155 -10.11 12.03 -22.97
C ASP D 155 -8.83 12.87 -22.97
N GLY D 156 -7.68 12.20 -23.06
CA GLY D 156 -6.40 12.87 -23.12
C GLY D 156 -5.75 13.19 -21.79
N SER D 157 -6.45 13.01 -20.68
CA SER D 157 -5.93 13.30 -19.35
C SER D 157 -5.48 12.02 -18.67
N GLU D 158 -4.29 12.05 -18.09
CA GLU D 158 -3.74 10.87 -17.42
C GLU D 158 -4.58 10.50 -16.20
N ARG D 159 -4.82 9.22 -16.03
CA ARG D 159 -5.59 8.70 -14.91
C ARG D 159 -4.73 7.69 -14.15
N GLN D 160 -4.47 7.95 -12.88
CA GLN D 160 -3.69 7.06 -12.04
C GLN D 160 -4.53 6.30 -11.03
N ASN D 161 -5.56 6.93 -10.48
CA ASN D 161 -6.41 6.28 -9.49
C ASN D 161 -7.20 5.14 -10.12
N GLY D 162 -7.24 4.00 -9.43
CA GLY D 162 -8.06 2.89 -9.85
C GLY D 162 -7.37 1.88 -10.75
N VAL D 163 -6.05 2.00 -10.93
CA VAL D 163 -5.30 1.10 -11.81
C VAL D 163 -4.67 0.01 -10.96
N LEU D 164 -4.85 -1.25 -11.40
CA LEU D 164 -4.21 -2.40 -10.77
C LEU D 164 -3.53 -3.23 -11.85
N ASN D 165 -2.26 -3.55 -11.64
CA ASN D 165 -1.45 -4.25 -12.62
C ASN D 165 -1.06 -5.63 -12.13
N SER D 166 -0.81 -6.53 -13.08
CA SER D 166 -0.41 -7.89 -12.78
C SER D 166 0.51 -8.39 -13.87
N TRP D 167 1.61 -9.02 -13.47
CA TRP D 167 2.62 -9.50 -14.40
C TRP D 167 2.74 -11.01 -14.33
N THR D 168 2.97 -11.63 -15.47
CA THR D 168 3.36 -13.02 -15.51
C THR D 168 4.84 -13.16 -15.19
N ASP D 169 5.24 -14.36 -14.77
CA ASP D 169 6.66 -14.68 -14.74
C ASP D 169 7.16 -14.93 -16.16
N GLN D 170 8.48 -14.97 -16.31
CA GLN D 170 9.07 -15.11 -17.64
C GLN D 170 8.66 -16.44 -18.26
N ASP D 171 8.25 -16.39 -19.52
CA ASP D 171 7.83 -17.59 -20.22
C ASP D 171 9.00 -18.56 -20.40
N SER D 172 8.75 -19.83 -20.11
CA SER D 172 9.80 -20.84 -20.19
C SER D 172 10.17 -21.19 -21.62
N LYS D 173 9.38 -20.77 -22.62
CA LYS D 173 9.63 -21.12 -24.01
C LYS D 173 10.21 -19.95 -24.81
N ASP D 174 9.54 -18.81 -24.83
CA ASP D 174 10.00 -17.68 -25.63
C ASP D 174 10.68 -16.60 -24.80
N SER D 175 10.79 -16.78 -23.48
CA SER D 175 11.54 -15.90 -22.60
C SER D 175 10.96 -14.49 -22.51
N THR D 176 9.68 -14.31 -22.84
CA THR D 176 9.05 -13.01 -22.72
C THR D 176 8.25 -12.89 -21.43
N TYR D 177 7.77 -11.67 -21.19
CA TYR D 177 6.89 -11.33 -20.10
C TYR D 177 5.57 -10.80 -20.66
N SER D 178 4.51 -10.89 -19.87
CA SER D 178 3.25 -10.23 -20.20
C SER D 178 2.71 -9.53 -18.97
N MET D 179 1.84 -8.56 -19.21
CA MET D 179 1.31 -7.72 -18.14
C MET D 179 -0.14 -7.39 -18.44
N SER D 180 -0.96 -7.35 -17.40
CA SER D 180 -2.34 -6.91 -17.51
C SER D 180 -2.53 -5.68 -16.64
N SER D 181 -3.17 -4.66 -17.21
CA SER D 181 -3.46 -3.44 -16.47
C SER D 181 -4.97 -3.23 -16.51
N THR D 182 -5.57 -3.00 -15.36
CA THR D 182 -7.02 -2.84 -15.29
C THR D 182 -7.32 -1.51 -14.61
N LEU D 183 -8.08 -0.67 -15.30
CA LEU D 183 -8.56 0.59 -14.76
C LEU D 183 -10.03 0.41 -14.38
N THR D 184 -10.35 0.55 -13.11
CA THR D 184 -11.71 0.30 -12.66
C THR D 184 -12.37 1.60 -12.25
N LEU D 185 -13.50 1.90 -12.89
CA LEU D 185 -14.28 3.10 -12.66
C LEU D 185 -15.67 2.71 -12.19
N THR D 186 -16.39 3.66 -11.62
CA THR D 186 -17.83 3.47 -11.54
C THR D 186 -18.43 3.56 -12.93
N LYS D 187 -19.59 2.93 -13.11
CA LYS D 187 -20.32 3.08 -14.36
C LYS D 187 -20.62 4.55 -14.64
N ASP D 188 -21.02 5.31 -13.62
CA ASP D 188 -21.33 6.71 -13.86
C ASP D 188 -20.11 7.46 -14.36
N GLU D 189 -18.94 7.18 -13.76
CA GLU D 189 -17.74 7.87 -14.20
C GLU D 189 -17.34 7.44 -15.61
N TYR D 190 -17.46 6.14 -15.90
CA TYR D 190 -17.15 5.67 -17.24
C TYR D 190 -18.01 6.36 -18.30
N GLU D 191 -19.28 6.61 -17.98
CA GLU D 191 -20.18 7.20 -18.96
C GLU D 191 -20.03 8.70 -19.10
N ARG D 192 -19.15 9.33 -18.29
CA ARG D 192 -18.89 10.76 -18.40
C ARG D 192 -17.77 11.08 -19.38
N HIS D 193 -17.15 10.06 -19.96
CA HIS D 193 -15.99 10.26 -20.81
C HIS D 193 -16.13 9.43 -22.08
N ASN D 194 -15.35 9.79 -23.08
CA ASN D 194 -15.44 9.17 -24.41
C ASN D 194 -14.22 8.31 -24.73
N SER D 195 -13.03 8.91 -24.77
CA SER D 195 -11.84 8.23 -25.25
C SER D 195 -11.10 7.58 -24.08
N TYR D 196 -10.76 6.31 -24.23
CA TYR D 196 -10.01 5.55 -23.22
C TYR D 196 -8.77 4.98 -23.88
N THR D 197 -7.62 5.21 -23.26
CA THR D 197 -6.35 4.95 -23.92
C THR D 197 -5.38 4.26 -22.98
N CYS D 198 -4.76 3.20 -23.47
CA CYS D 198 -3.67 2.50 -22.81
C CYS D 198 -2.39 2.84 -23.57
N GLU D 199 -1.39 3.39 -22.88
CA GLU D 199 -0.14 3.81 -23.50
C GLU D 199 1.01 3.05 -22.86
N ALA D 200 1.74 2.29 -23.68
CA ALA D 200 2.86 1.48 -23.21
C ALA D 200 4.16 2.12 -23.67
N THR D 201 5.08 2.32 -22.72
CA THR D 201 6.42 2.81 -23.02
C THR D 201 7.41 1.71 -22.66
N HIS D 202 8.22 1.32 -23.63
CA HIS D 202 9.11 0.17 -23.50
C HIS D 202 10.40 0.48 -24.24
N LYS D 203 11.49 -0.14 -23.77
CA LYS D 203 12.83 0.15 -24.31
C LYS D 203 12.90 0.00 -25.82
N THR D 204 12.00 -0.79 -26.41
CA THR D 204 12.07 -1.11 -27.83
C THR D 204 11.75 0.09 -28.72
N SER D 205 11.11 1.14 -28.18
CA SER D 205 10.83 2.32 -28.98
C SER D 205 10.78 3.56 -28.11
N THR D 206 11.23 4.68 -28.68
CA THR D 206 11.07 5.97 -28.02
C THR D 206 9.61 6.40 -27.97
N SER D 207 8.82 6.01 -28.97
CA SER D 207 7.41 6.36 -29.04
C SER D 207 6.58 5.35 -28.28
N PRO D 208 5.62 5.79 -27.46
CA PRO D 208 4.73 4.83 -26.80
C PRO D 208 3.86 4.10 -27.81
N ILE D 209 3.48 2.88 -27.45
CA ILE D 209 2.45 2.14 -28.17
C ILE D 209 1.11 2.53 -27.57
N VAL D 210 0.22 3.03 -28.42
CA VAL D 210 -1.05 3.62 -27.98
C VAL D 210 -2.20 2.77 -28.53
N LYS D 211 -3.08 2.32 -27.63
CA LYS D 211 -4.32 1.67 -28.03
C LYS D 211 -5.49 2.37 -27.36
N SER D 212 -6.56 2.61 -28.12
CA SER D 212 -7.67 3.37 -27.58
C SER D 212 -8.99 2.88 -28.15
N PHE D 213 -10.08 3.25 -27.47
CA PHE D 213 -11.41 3.11 -28.02
C PHE D 213 -12.25 4.29 -27.56
N ASN D 214 -13.33 4.53 -28.27
CA ASN D 214 -14.31 5.54 -27.87
C ASN D 214 -15.56 4.83 -27.37
N ARG D 215 -16.06 5.27 -26.21
CA ARG D 215 -17.19 4.60 -25.58
C ARG D 215 -18.42 4.62 -26.47
N ASN D 216 -18.73 5.78 -27.06
CA ASN D 216 -19.99 5.93 -27.78
C ASN D 216 -19.89 5.53 -29.24
N GLU D 217 -18.86 4.77 -29.61
CA GLU D 217 -18.78 4.20 -30.95
C GLU D 217 -19.05 2.71 -30.89
C1 GOL E . 15.01 -16.40 5.20
O1 GOL E . 16.15 -15.58 5.26
C2 GOL E . 14.66 -16.66 3.74
O2 GOL E . 13.69 -15.72 3.32
C3 GOL E . 14.10 -18.07 3.62
O3 GOL E . 13.91 -18.39 2.27
#